data_3LX2
#
_entry.id   3LX2
#
_cell.length_a   120.480
_cell.length_b   136.270
_cell.length_c   123.970
_cell.angle_alpha   90.000
_cell.angle_beta   90.000
_cell.angle_gamma   90.000
#
_symmetry.space_group_name_H-M   'C 2 2 21'
#
loop_
_entity.id
_entity.type
_entity.pdbx_description
1 polymer 'DNA polymerase sliding clamp 2'
2 non-polymer 'SULFATE ION'
3 water water
#
_entity_poly.entity_id   1
_entity_poly.type   'polypeptide(L)'
_entity_poly.pdbx_seq_one_letter_code
;MTFEIVFDSAREFESLIATLEKFFDEAVFQVNMEGIQMRAIDPSRVVLVDLNLPEMLFSKYSVESEEAIAFDLKRFLKVL
KLARSRDTLVLRKGGENFLEVGLLGDENTWFKLPLIDANTPEIEIPSLPWTVKAVVLAGALKRAVKAAKLVSDSIYFMAT
PEKLTFKAEGNDSEVRTVLTMEDPGLLDLEHKMTKAKSAYGVAYLEDILRSLADADEVIIRFGFDIPLLLKYMVRDAGEV
SFLIAPRVEEGRSHHHHHH
;
_entity_poly.pdbx_strand_id   A,B,C
#
# COMPACT_ATOMS: atom_id res chain seq x y z
N THR A 2 25.02 -16.22 -29.60
CA THR A 2 25.35 -16.60 -28.17
C THR A 2 25.76 -15.34 -27.40
N PHE A 3 25.15 -15.12 -26.24
CA PHE A 3 25.65 -14.04 -25.40
C PHE A 3 25.52 -14.28 -23.89
N GLU A 4 26.28 -13.48 -23.15
CA GLU A 4 26.18 -13.40 -21.73
C GLU A 4 26.42 -11.93 -21.35
N ILE A 5 25.40 -11.29 -20.80
CA ILE A 5 25.43 -9.91 -20.42
C ILE A 5 25.03 -9.80 -18.95
N VAL A 6 25.72 -8.97 -18.20
CA VAL A 6 25.49 -8.83 -16.80
C VAL A 6 25.29 -7.36 -16.49
N PHE A 7 24.14 -7.02 -15.90
CA PHE A 7 23.88 -5.65 -15.48
C PHE A 7 23.81 -5.62 -13.96
N ASP A 8 24.40 -4.64 -13.31
CA ASP A 8 24.48 -4.73 -11.84
C ASP A 8 23.24 -4.25 -11.08
N SER A 9 22.16 -3.92 -11.78
CA SER A 9 20.91 -3.61 -11.06
C SER A 9 19.66 -4.08 -11.80
N ALA A 10 19.20 -5.26 -11.41
CA ALA A 10 18.01 -5.82 -12.01
C ALA A 10 16.80 -4.87 -11.85
N ARG A 11 16.76 -4.16 -10.73
CA ARG A 11 15.69 -3.21 -10.39
C ARG A 11 15.69 -2.00 -11.29
N GLU A 12 16.84 -1.36 -11.48
CA GLU A 12 16.94 -0.37 -12.56
C GLU A 12 16.36 -0.95 -13.82
N PHE A 13 16.82 -2.12 -14.24
CA PHE A 13 16.32 -2.67 -15.52
C PHE A 13 14.83 -2.99 -15.53
N GLU A 14 14.31 -3.42 -14.38
CA GLU A 14 12.86 -3.64 -14.18
C GLU A 14 12.10 -2.39 -14.64
N SER A 15 12.68 -1.24 -14.38
CA SER A 15 12.00 -0.02 -14.48
C SER A 15 11.94 0.49 -15.94
N LEU A 16 12.97 0.20 -16.70
CA LEU A 16 12.89 0.29 -18.16
C LEU A 16 11.88 -0.69 -18.73
N ILE A 17 11.85 -1.91 -18.21
CA ILE A 17 10.95 -2.86 -18.83
C ILE A 17 9.50 -2.46 -18.55
N ALA A 18 9.28 -1.89 -17.35
CA ALA A 18 7.96 -1.44 -16.91
C ALA A 18 7.45 -0.33 -17.85
N THR A 19 8.31 0.56 -18.29
CA THR A 19 7.85 1.56 -19.19
C THR A 19 7.45 0.94 -20.56
N LEU A 20 8.19 -0.04 -21.03
CA LEU A 20 7.93 -0.64 -22.34
C LEU A 20 6.64 -1.43 -22.35
N GLU A 21 6.41 -2.19 -21.28
CA GLU A 21 5.27 -3.10 -21.26
C GLU A 21 3.97 -2.31 -21.33
N LYS A 22 4.05 -1.03 -20.99
CA LYS A 22 2.84 -0.22 -20.98
C LYS A 22 2.31 -0.05 -22.38
N PHE A 23 3.19 -0.10 -23.39
CA PHE A 23 2.82 0.20 -24.78
C PHE A 23 2.85 -0.95 -25.74
N PHE A 24 3.68 -1.95 -25.46
CA PHE A 24 3.92 -3.07 -26.33
C PHE A 24 3.79 -4.39 -25.64
N ASP A 25 3.27 -5.37 -26.35
CA ASP A 25 3.05 -6.69 -25.78
C ASP A 25 4.37 -7.47 -25.83
N GLU A 26 5.19 -7.15 -26.83
CA GLU A 26 6.38 -7.88 -27.15
C GLU A 26 7.45 -6.90 -27.54
N ALA A 27 8.70 -7.23 -27.25
CA ALA A 27 9.76 -6.39 -27.74
C ALA A 27 10.86 -7.17 -28.44
N VAL A 28 11.36 -6.57 -29.51
CA VAL A 28 12.52 -7.07 -30.19
C VAL A 28 13.82 -6.39 -29.75
N PHE A 29 14.72 -7.16 -29.19
CA PHE A 29 15.98 -6.59 -28.77
C PHE A 29 17.06 -6.92 -29.78
N GLN A 30 17.57 -5.92 -30.45
CA GLN A 30 18.74 -6.17 -31.25
C GLN A 30 19.99 -6.18 -30.36
N VAL A 31 20.53 -7.37 -30.19
CA VAL A 31 21.71 -7.54 -29.40
C VAL A 31 22.95 -7.52 -30.28
N ASN A 32 23.71 -6.43 -30.19
CA ASN A 32 24.94 -6.25 -30.96
C ASN A 32 26.20 -6.23 -30.14
N MET A 33 27.33 -6.21 -30.84
CA MET A 33 28.63 -6.23 -30.19
C MET A 33 28.76 -4.99 -29.35
N GLU A 34 28.31 -3.84 -29.86
CA GLU A 34 28.55 -2.61 -29.12
C GLU A 34 27.38 -2.22 -28.17
N GLY A 35 26.32 -3.02 -28.21
CA GLY A 35 25.25 -2.80 -27.29
C GLY A 35 23.92 -3.34 -27.71
N ILE A 36 22.87 -2.95 -26.97
CA ILE A 36 21.47 -3.36 -27.23
C ILE A 36 20.66 -2.16 -27.73
N GLN A 37 19.73 -2.47 -28.64
CA GLN A 37 18.90 -1.48 -29.30
C GLN A 37 17.52 -2.05 -29.57
N MET A 38 16.54 -1.21 -29.38
CA MET A 38 15.19 -1.55 -29.72
C MET A 38 14.54 -0.32 -30.28
N ARG A 39 13.64 -0.54 -31.23
CA ARG A 39 12.86 0.48 -31.84
C ARG A 39 11.56 -0.17 -32.15
N ALA A 40 10.47 0.44 -31.68
CA ALA A 40 9.16 -0.16 -31.87
C ALA A 40 8.11 0.93 -31.86
N ILE A 41 6.90 0.57 -32.32
CA ILE A 41 5.74 1.48 -32.33
C ILE A 41 4.52 0.77 -31.80
N ASP A 42 3.68 1.49 -31.07
CA ASP A 42 2.43 0.90 -30.58
C ASP A 42 1.39 0.69 -31.70
N PRO A 43 0.45 -0.23 -31.50
CA PRO A 43 -0.52 -0.51 -32.56
C PRO A 43 -1.39 0.70 -32.93
N SER A 44 -1.47 1.67 -32.04
CA SER A 44 -2.21 2.90 -32.33
C SER A 44 -1.41 3.86 -33.15
N ARG A 45 -0.13 3.53 -33.32
CA ARG A 45 0.82 4.43 -33.95
C ARG A 45 0.87 5.77 -33.24
N VAL A 46 0.48 5.80 -31.97
CA VAL A 46 0.68 7.02 -31.24
C VAL A 46 2.07 7.15 -30.59
N VAL A 47 2.74 6.00 -30.36
CA VAL A 47 3.93 5.95 -29.51
C VAL A 47 5.09 5.21 -30.13
N LEU A 48 6.21 5.89 -30.28
CA LEU A 48 7.46 5.26 -30.78
C LEU A 48 8.59 5.31 -29.78
N VAL A 49 9.22 4.15 -29.57
CA VAL A 49 10.35 4.08 -28.69
C VAL A 49 11.65 3.78 -29.42
N ASP A 50 12.68 4.53 -29.06
CA ASP A 50 14.00 4.29 -29.52
C ASP A 50 15.00 4.17 -28.34
N LEU A 51 15.60 3.00 -28.24
CA LEU A 51 16.30 2.60 -27.05
C LEU A 51 17.71 2.18 -27.45
N ASN A 52 18.68 2.80 -26.80
CA ASN A 52 20.05 2.35 -26.99
C ASN A 52 20.88 2.15 -25.71
N LEU A 53 21.33 0.91 -25.52
CA LEU A 53 22.07 0.50 -24.35
C LEU A 53 23.49 -0.01 -24.71
N PRO A 54 24.48 0.89 -24.72
CA PRO A 54 25.85 0.54 -25.13
C PRO A 54 26.50 -0.40 -24.12
N GLU A 55 27.35 -1.30 -24.59
CA GLU A 55 28.01 -2.29 -23.72
C GLU A 55 28.65 -1.72 -22.49
N MET A 56 29.22 -0.51 -22.57
CA MET A 56 29.86 0.07 -21.37
C MET A 56 28.95 0.15 -20.09
N LEU A 57 27.62 0.09 -20.29
CA LEU A 57 26.66 0.16 -19.16
C LEU A 57 26.63 -1.08 -18.31
N PHE A 58 27.15 -2.17 -18.85
CA PHE A 58 27.00 -3.50 -18.28
C PHE A 58 28.26 -3.97 -17.54
N SER A 59 28.16 -4.58 -16.33
CA SER A 59 29.36 -5.14 -15.67
C SER A 59 30.17 -6.11 -16.53
N LYS A 60 29.49 -7.05 -17.18
CA LYS A 60 30.14 -7.96 -18.14
C LYS A 60 29.31 -7.92 -19.40
N TYR A 61 29.94 -7.80 -20.53
CA TYR A 61 29.19 -7.76 -21.70
C TYR A 61 29.96 -8.63 -22.61
N SER A 62 29.30 -9.60 -23.21
CA SER A 62 29.97 -10.44 -24.18
C SER A 62 29.01 -11.14 -25.13
N VAL A 63 29.14 -10.77 -26.42
CA VAL A 63 28.31 -11.31 -27.52
C VAL A 63 29.15 -11.91 -28.65
N GLU A 64 28.71 -13.04 -29.16
CA GLU A 64 29.39 -13.64 -30.31
C GLU A 64 28.75 -13.20 -31.61
N SER A 65 27.85 -14.00 -32.15
CA SER A 65 27.04 -13.54 -33.24
C SER A 65 25.95 -12.56 -32.74
N GLU A 66 25.88 -11.41 -33.41
CA GLU A 66 24.84 -10.45 -33.24
C GLU A 66 23.54 -10.98 -33.76
N GLU A 67 22.48 -10.78 -32.99
CA GLU A 67 21.16 -11.19 -33.37
C GLU A 67 20.06 -10.47 -32.59
N ALA A 68 18.88 -10.43 -33.20
CA ALA A 68 17.65 -9.98 -32.59
C ALA A 68 16.96 -11.08 -31.84
N ILE A 69 16.63 -10.82 -30.58
CA ILE A 69 15.74 -11.69 -29.82
C ILE A 69 14.44 -10.97 -29.53
N ALA A 70 13.39 -11.75 -29.31
CA ALA A 70 12.09 -11.20 -29.11
C ALA A 70 11.36 -12.02 -28.05
N PHE A 71 10.61 -11.37 -27.19
CA PHE A 71 9.97 -12.11 -26.10
C PHE A 71 8.82 -11.33 -25.52
N ASP A 72 8.02 -12.01 -24.70
CA ASP A 72 6.84 -11.39 -24.20
C ASP A 72 7.18 -10.40 -23.06
N LEU A 73 6.79 -9.13 -23.23
CA LEU A 73 7.25 -8.10 -22.33
C LEU A 73 6.68 -8.35 -20.93
N LYS A 74 5.40 -8.69 -20.87
CA LYS A 74 4.78 -8.92 -19.61
C LYS A 74 5.35 -10.14 -18.92
N ARG A 75 5.87 -11.13 -19.66
CA ARG A 75 6.41 -12.33 -18.99
C ARG A 75 7.73 -11.98 -18.27
N PHE A 76 8.54 -11.23 -18.99
CA PHE A 76 9.84 -10.81 -18.59
C PHE A 76 9.71 -9.85 -17.44
N LEU A 77 8.70 -9.02 -17.50
CA LEU A 77 8.50 -8.00 -16.47
C LEU A 77 8.18 -8.65 -15.14
N LYS A 78 7.36 -9.69 -15.16
CA LYS A 78 7.09 -10.42 -13.90
C LYS A 78 8.34 -11.00 -13.22
N VAL A 79 9.26 -11.55 -14.01
CA VAL A 79 10.51 -12.04 -13.48
C VAL A 79 11.24 -10.90 -12.86
N LEU A 80 11.29 -9.78 -13.57
CA LEU A 80 12.09 -8.66 -13.09
C LEU A 80 11.51 -8.05 -11.82
N LYS A 81 10.21 -8.22 -11.62
CA LYS A 81 9.58 -7.67 -10.44
C LYS A 81 9.95 -8.50 -9.23
N LEU A 82 10.55 -9.66 -9.43
CA LEU A 82 11.07 -10.40 -8.25
C LEU A 82 12.38 -9.88 -7.71
N ALA A 83 13.07 -9.02 -8.46
CA ALA A 83 14.42 -8.55 -8.07
C ALA A 83 14.36 -7.87 -6.71
N ARG A 84 15.28 -8.19 -5.80
CA ARG A 84 15.39 -7.40 -4.58
C ARG A 84 16.45 -6.30 -4.77
N SER A 85 16.55 -5.40 -3.80
CA SER A 85 17.56 -4.35 -3.84
C SER A 85 18.96 -4.99 -3.95
N ARG A 86 19.79 -4.39 -4.76
CA ARG A 86 21.11 -4.94 -5.03
C ARG A 86 21.17 -6.28 -5.77
N ASP A 87 20.07 -6.93 -6.20
CA ASP A 87 20.21 -8.15 -7.07
C ASP A 87 20.90 -7.75 -8.37
N THR A 88 21.77 -8.59 -8.91
CA THR A 88 22.28 -8.29 -10.23
C THR A 88 21.44 -9.02 -11.30
N LEU A 89 21.58 -8.64 -12.56
CA LEU A 89 20.79 -9.21 -13.63
C LEU A 89 21.73 -9.85 -14.62
N VAL A 90 21.41 -11.07 -15.02
CA VAL A 90 22.15 -11.73 -16.07
C VAL A 90 21.20 -12.10 -17.17
N LEU A 91 21.54 -11.69 -18.39
CA LEU A 91 20.85 -12.18 -19.56
C LEU A 91 21.78 -13.05 -20.39
N ARG A 92 21.31 -14.25 -20.70
CA ARG A 92 22.16 -15.24 -21.28
C ARG A 92 21.44 -16.09 -22.32
N LYS A 93 22.06 -16.22 -23.48
CA LYS A 93 21.54 -17.03 -24.53
C LYS A 93 22.61 -17.94 -25.07
N GLY A 94 22.27 -19.22 -25.14
CA GLY A 94 23.11 -20.22 -25.73
C GLY A 94 22.50 -20.78 -27.00
N GLY A 95 22.68 -22.09 -27.18
CA GLY A 95 22.20 -22.82 -28.35
C GLY A 95 20.71 -22.76 -28.60
N GLU A 96 19.91 -23.17 -27.61
CA GLU A 96 18.44 -23.28 -27.81
C GLU A 96 17.73 -21.93 -28.03
N ASN A 97 16.39 -21.96 -28.13
CA ASN A 97 15.64 -20.71 -28.26
C ASN A 97 14.86 -20.27 -27.04
N PHE A 98 15.63 -20.13 -25.95
CA PHE A 98 15.18 -19.54 -24.69
C PHE A 98 16.08 -18.40 -24.28
N LEU A 99 15.52 -17.35 -23.71
CA LEU A 99 16.38 -16.40 -22.99
C LEU A 99 16.56 -16.95 -21.58
N GLU A 100 17.80 -17.11 -21.16
CA GLU A 100 17.98 -17.41 -19.78
C GLU A 100 18.17 -16.10 -18.95
N VAL A 101 17.39 -15.98 -17.85
CA VAL A 101 17.40 -14.77 -17.00
C VAL A 101 17.78 -15.13 -15.58
N GLY A 102 18.81 -14.49 -15.06
CA GLY A 102 19.23 -14.80 -13.74
C GLY A 102 19.12 -13.63 -12.81
N LEU A 103 18.79 -13.91 -11.55
CA LEU A 103 18.70 -12.85 -10.52
C LEU A 103 19.64 -13.27 -9.40
N LEU A 104 20.72 -12.53 -9.22
CA LEU A 104 21.76 -13.01 -8.31
C LEU A 104 21.83 -12.15 -7.07
N GLY A 105 21.49 -12.75 -5.92
CA GLY A 105 21.51 -12.05 -4.63
C GLY A 105 22.00 -12.96 -3.51
N ASP A 106 21.27 -12.98 -2.39
CA ASP A 106 21.55 -13.99 -1.35
C ASP A 106 21.29 -15.42 -1.86
N GLU A 107 20.27 -15.58 -2.70
CA GLU A 107 20.12 -16.74 -3.61
C GLU A 107 20.31 -16.34 -5.11
N ASN A 108 20.49 -17.37 -5.96
CA ASN A 108 20.56 -17.23 -7.40
C ASN A 108 19.35 -17.92 -8.00
N THR A 109 18.56 -17.13 -8.72
CA THR A 109 17.31 -17.59 -9.34
C THR A 109 17.50 -17.42 -10.88
N TRP A 110 17.15 -18.48 -11.62
CA TRP A 110 17.45 -18.59 -13.05
C TRP A 110 16.22 -19.06 -13.76
N PHE A 111 15.70 -18.19 -14.61
CA PHE A 111 14.53 -18.43 -15.39
C PHE A 111 14.90 -18.70 -16.80
N LYS A 112 14.07 -19.48 -17.46
CA LYS A 112 14.15 -19.60 -18.93
C LYS A 112 12.83 -19.21 -19.60
N LEU A 113 12.92 -18.27 -20.53
CA LEU A 113 11.73 -17.76 -21.20
C LEU A 113 11.75 -18.05 -22.68
N PRO A 114 10.61 -18.47 -23.25
CA PRO A 114 10.58 -18.89 -24.66
C PRO A 114 10.68 -17.68 -25.54
N LEU A 115 11.54 -17.75 -26.53
CA LEU A 115 11.72 -16.66 -27.46
C LEU A 115 10.66 -16.76 -28.53
N ILE A 116 10.42 -15.65 -29.21
CA ILE A 116 9.46 -15.67 -30.32
C ILE A 116 10.00 -15.07 -31.59
N ASP A 117 9.20 -15.19 -32.66
CA ASP A 117 9.46 -14.59 -33.98
C ASP A 117 10.03 -13.18 -33.88
N ALA A 118 11.27 -13.01 -34.33
CA ALA A 118 12.00 -11.72 -34.23
C ALA A 118 11.93 -10.80 -35.50
N ASN A 119 10.86 -10.96 -36.29
CA ASN A 119 10.59 -10.25 -37.58
C ASN A 119 10.16 -8.77 -37.53
N THR A 120 10.95 -7.93 -36.87
CA THR A 120 10.71 -6.49 -36.88
C THR A 120 11.01 -5.93 -38.27
N PRO A 121 9.99 -5.35 -38.92
CA PRO A 121 10.29 -4.61 -40.15
C PRO A 121 10.96 -3.30 -39.79
N GLU A 122 11.86 -2.85 -40.66
CA GLU A 122 12.62 -1.63 -40.43
C GLU A 122 11.71 -0.47 -40.05
N ILE A 123 12.12 0.32 -39.06
CA ILE A 123 11.37 1.54 -38.70
C ILE A 123 12.25 2.75 -38.98
N GLU A 124 11.72 3.66 -39.79
CA GLU A 124 12.47 4.82 -40.22
C GLU A 124 11.97 6.08 -39.52
N ILE A 125 12.92 6.86 -39.05
CA ILE A 125 12.66 8.04 -38.26
C ILE A 125 12.79 9.29 -39.13
N PRO A 126 11.64 9.93 -39.43
CA PRO A 126 11.63 11.26 -40.07
C PRO A 126 12.52 12.28 -39.33
N SER A 127 13.03 13.27 -40.07
CA SER A 127 13.64 14.42 -39.41
C SER A 127 12.50 15.34 -39.01
N LEU A 128 12.67 16.08 -37.92
CA LEU A 128 11.52 16.79 -37.33
C LEU A 128 11.80 18.18 -36.81
N PRO A 129 11.14 19.17 -37.42
CA PRO A 129 11.37 20.58 -37.17
C PRO A 129 10.94 20.99 -35.78
N TRP A 130 11.67 20.56 -34.76
CA TRP A 130 11.33 20.95 -33.41
C TRP A 130 11.74 22.40 -33.21
N THR A 131 10.82 23.20 -32.72
CA THR A 131 11.14 24.59 -32.40
C THR A 131 11.48 24.77 -30.94
N VAL A 132 10.90 23.99 -30.03
CA VAL A 132 11.26 24.11 -28.61
C VAL A 132 12.20 22.98 -28.19
N LYS A 133 13.02 23.24 -27.17
CA LYS A 133 13.75 22.18 -26.50
C LYS A 133 13.97 22.61 -25.07
N ALA A 134 13.73 21.69 -24.12
CA ALA A 134 13.88 22.03 -22.74
C ALA A 134 14.48 20.87 -22.01
N VAL A 135 15.01 21.11 -20.82
CA VAL A 135 15.41 20.04 -19.91
C VAL A 135 14.66 20.34 -18.64
N VAL A 136 13.96 19.34 -18.12
CA VAL A 136 13.11 19.56 -16.99
C VAL A 136 13.36 18.41 -16.11
N LEU A 137 12.95 18.53 -14.85
CA LEU A 137 13.03 17.44 -13.90
C LEU A 137 11.80 16.56 -14.00
N ALA A 138 11.97 15.25 -13.83
CA ALA A 138 10.87 14.30 -14.03
C ALA A 138 9.66 14.57 -13.16
N GLY A 139 9.95 14.97 -11.90
CA GLY A 139 8.95 15.31 -10.89
C GLY A 139 8.09 16.48 -11.31
N ALA A 140 8.71 17.43 -12.01
CA ALA A 140 7.99 18.59 -12.54
C ALA A 140 7.00 18.12 -13.61
N LEU A 141 7.49 17.45 -14.66
CA LEU A 141 6.58 16.86 -15.64
C LEU A 141 5.53 16.04 -14.96
N LYS A 142 5.91 15.14 -14.07
CA LYS A 142 4.89 14.23 -13.52
C LYS A 142 3.83 15.03 -12.81
N ARG A 143 4.21 16.22 -12.36
CA ARG A 143 3.27 17.10 -11.70
C ARG A 143 2.32 17.53 -12.79
N ALA A 144 2.86 18.29 -13.74
CA ALA A 144 2.10 18.82 -14.83
C ALA A 144 1.14 17.77 -15.37
N VAL A 145 1.69 16.65 -15.77
CA VAL A 145 0.90 15.66 -16.44
C VAL A 145 -0.25 15.25 -15.50
N LYS A 146 0.06 14.98 -14.24
CA LYS A 146 -0.95 14.46 -13.31
C LYS A 146 -2.06 15.51 -13.00
N ALA A 147 -1.71 16.79 -13.13
CA ALA A 147 -2.67 17.84 -12.96
C ALA A 147 -3.56 17.94 -14.21
N ALA A 148 -2.97 17.70 -15.37
CA ALA A 148 -3.77 17.69 -16.59
C ALA A 148 -4.85 16.59 -16.46
N LYS A 149 -4.43 15.35 -16.20
CA LYS A 149 -5.34 14.22 -16.13
C LYS A 149 -6.65 14.52 -15.41
N LEU A 150 -6.60 15.32 -14.36
CA LEU A 150 -7.79 15.66 -13.63
C LEU A 150 -8.77 16.45 -14.47
N VAL A 151 -8.24 17.15 -15.47
CA VAL A 151 -9.01 18.09 -16.18
C VAL A 151 -9.39 17.59 -17.54
N SER A 152 -8.55 16.73 -18.14
CA SER A 152 -8.67 16.35 -19.55
C SER A 152 -7.89 15.12 -19.89
N ASP A 153 -8.10 14.61 -21.08
CA ASP A 153 -7.31 13.49 -21.60
C ASP A 153 -6.16 14.03 -22.47
N SER A 154 -6.12 15.34 -22.64
CA SER A 154 -5.13 15.98 -23.49
C SER A 154 -4.36 16.96 -22.68
N ILE A 155 -3.06 17.11 -22.98
CA ILE A 155 -2.26 18.12 -22.33
C ILE A 155 -1.56 18.95 -23.37
N TYR A 156 -1.56 20.26 -23.13
CA TYR A 156 -0.91 21.23 -24.01
C TYR A 156 0.46 21.52 -23.52
N PHE A 157 1.40 21.46 -24.46
CA PHE A 157 2.78 21.83 -24.25
C PHE A 157 2.90 23.15 -24.98
N MET A 158 3.33 24.19 -24.28
CA MET A 158 3.56 25.50 -24.89
C MET A 158 4.84 26.17 -24.40
N ALA A 159 5.47 26.92 -25.30
CA ALA A 159 6.61 27.72 -24.93
C ALA A 159 6.71 29.09 -25.61
N THR A 160 7.18 30.05 -24.81
CA THR A 160 7.87 31.23 -25.31
C THR A 160 9.34 30.96 -24.89
N PRO A 161 10.26 31.95 -25.10
CA PRO A 161 11.67 31.76 -24.72
C PRO A 161 11.96 31.86 -23.21
N GLU A 162 11.03 32.45 -22.45
CA GLU A 162 11.16 32.55 -20.98
C GLU A 162 10.20 31.62 -20.29
N LYS A 163 9.33 30.97 -21.06
CA LYS A 163 8.14 30.37 -20.50
C LYS A 163 7.80 28.97 -21.03
N LEU A 164 7.82 28.01 -20.10
CA LEU A 164 7.37 26.64 -20.37
C LEU A 164 6.11 26.36 -19.58
N THR A 165 5.02 26.16 -20.31
CA THR A 165 3.70 26.07 -19.70
C THR A 165 3.01 24.78 -20.15
N PHE A 166 2.44 24.01 -19.20
CA PHE A 166 1.61 22.84 -19.48
C PHE A 166 0.13 22.99 -19.06
N LYS A 167 -0.78 23.01 -20.03
CA LYS A 167 -2.17 23.30 -19.72
C LYS A 167 -3.15 22.37 -20.35
N ALA A 168 -4.25 22.24 -19.65
CA ALA A 168 -5.33 21.41 -20.08
C ALA A 168 -6.64 22.20 -19.96
N GLU A 169 -7.60 21.82 -20.78
CA GLU A 169 -8.92 22.42 -20.68
C GLU A 169 -10.00 21.37 -20.93
N GLY A 170 -10.96 21.31 -20.00
CA GLY A 170 -12.14 20.46 -20.08
C GLY A 170 -13.44 21.22 -20.23
N ASN A 171 -14.56 20.51 -20.15
CA ASN A 171 -15.87 21.12 -20.20
C ASN A 171 -16.02 22.31 -19.20
N ASP A 172 -15.60 22.10 -17.95
CA ASP A 172 -15.79 23.12 -16.91
C ASP A 172 -14.58 23.44 -16.01
N SER A 173 -13.38 23.04 -16.43
CA SER A 173 -12.17 23.29 -15.64
C SER A 173 -10.94 23.50 -16.52
N GLU A 174 -9.93 24.17 -15.98
CA GLU A 174 -8.67 24.29 -16.70
C GLU A 174 -7.47 24.27 -15.74
N VAL A 175 -6.28 23.90 -16.23
CA VAL A 175 -5.12 23.88 -15.35
C VAL A 175 -3.82 24.25 -16.04
N ARG A 176 -3.24 25.34 -15.59
CA ARG A 176 -1.96 25.81 -16.06
C ARG A 176 -0.87 25.48 -14.97
N THR A 177 0.13 24.74 -15.38
CA THR A 177 1.40 24.69 -14.64
C THR A 177 2.41 25.44 -15.48
N VAL A 178 3.11 26.41 -14.87
CA VAL A 178 4.08 27.21 -15.63
C VAL A 178 5.49 27.34 -15.03
N LEU A 179 6.49 26.96 -15.83
CA LEU A 179 7.91 26.96 -15.45
C LEU A 179 8.75 27.99 -16.15
N THR A 180 9.53 28.71 -15.36
CA THR A 180 10.54 29.65 -15.90
C THR A 180 11.94 29.23 -15.40
N MET A 181 12.96 29.92 -15.89
CA MET A 181 14.31 29.72 -15.36
C MET A 181 14.44 29.90 -13.83
N GLU A 182 13.46 30.56 -13.22
CA GLU A 182 13.39 30.68 -11.75
C GLU A 182 13.08 29.37 -10.98
N ASP A 183 12.41 28.41 -11.63
CA ASP A 183 12.03 27.16 -10.96
C ASP A 183 13.15 26.07 -11.04
N PRO A 184 13.30 25.27 -9.96
CA PRO A 184 14.27 24.14 -9.97
C PRO A 184 14.00 23.12 -11.12
N GLY A 185 12.74 22.73 -11.27
CA GLY A 185 12.31 21.79 -12.31
C GLY A 185 12.69 22.13 -13.74
N LEU A 186 13.01 23.40 -14.03
CA LEU A 186 13.45 23.74 -15.38
C LEU A 186 14.98 23.90 -15.36
N LEU A 187 15.70 23.15 -16.17
CA LEU A 187 17.15 23.34 -16.15
C LEU A 187 17.60 24.17 -17.35
N ASP A 188 16.80 24.17 -18.41
CA ASP A 188 17.23 24.74 -19.66
C ASP A 188 16.07 24.91 -20.62
N LEU A 189 16.10 26.00 -21.40
CA LEU A 189 14.99 26.28 -22.28
C LEU A 189 15.38 27.07 -23.51
N GLU A 190 15.20 26.47 -24.67
CA GLU A 190 15.66 27.07 -25.88
C GLU A 190 14.47 27.06 -26.84
N HIS A 191 14.13 28.25 -27.35
CA HIS A 191 13.10 28.43 -28.37
C HIS A 191 13.77 28.95 -29.62
N LYS A 192 13.57 28.23 -30.73
CA LYS A 192 13.95 28.70 -32.07
C LYS A 192 12.77 29.38 -32.74
N MET A 193 12.23 30.38 -32.04
CA MET A 193 11.12 31.22 -32.48
C MET A 193 10.45 31.79 -31.23
N THR A 194 9.12 31.85 -31.26
CA THR A 194 8.38 32.61 -30.26
C THR A 194 6.94 32.11 -29.94
N LYS A 195 6.28 31.43 -30.87
CA LYS A 195 4.97 30.84 -30.55
C LYS A 195 5.01 29.36 -30.83
N ALA A 196 4.70 28.53 -29.82
CA ALA A 196 4.77 27.04 -29.98
C ALA A 196 3.75 26.23 -29.17
N LYS A 197 2.88 25.48 -29.85
CA LYS A 197 1.74 24.85 -29.18
C LYS A 197 1.29 23.48 -29.77
N SER A 198 1.27 22.45 -28.92
CA SER A 198 0.69 21.16 -29.30
C SER A 198 0.02 20.39 -28.14
N ALA A 199 -0.77 19.39 -28.50
CA ALA A 199 -1.46 18.54 -27.54
C ALA A 199 -1.13 17.06 -27.71
N TYR A 200 -0.92 16.42 -26.55
CA TYR A 200 -0.62 15.01 -26.53
C TYR A 200 -1.50 14.36 -25.47
N GLY A 201 -1.57 13.03 -25.56
CA GLY A 201 -2.45 12.30 -24.71
C GLY A 201 -1.85 12.13 -23.34
N VAL A 202 -2.51 12.68 -22.34
CA VAL A 202 -2.09 12.51 -20.96
C VAL A 202 -1.70 11.07 -20.57
N ALA A 203 -2.49 10.12 -21.02
CA ALA A 203 -2.36 8.75 -20.57
C ALA A 203 -1.02 8.29 -21.02
N TYR A 204 -0.76 8.50 -22.29
CA TYR A 204 0.55 8.18 -22.86
C TYR A 204 1.78 8.73 -22.06
N LEU A 205 1.79 10.02 -21.70
CA LEU A 205 2.93 10.66 -21.04
C LEU A 205 3.18 10.14 -19.62
N GLU A 206 2.07 9.90 -18.92
CA GLU A 206 2.07 9.46 -17.55
C GLU A 206 2.67 8.06 -17.46
N ASP A 207 2.40 7.24 -18.46
CA ASP A 207 2.99 5.90 -18.52
C ASP A 207 4.49 5.93 -18.89
N ILE A 208 4.90 6.92 -19.67
CA ILE A 208 6.29 7.10 -20.02
C ILE A 208 7.10 7.50 -18.77
N LEU A 209 6.60 8.47 -17.99
CA LEU A 209 7.29 9.13 -16.85
C LEU A 209 7.21 8.39 -15.52
N ARG A 210 6.42 7.33 -15.44
CA ARG A 210 6.23 6.68 -14.12
C ARG A 210 7.45 5.98 -13.52
N SER A 211 8.24 5.29 -14.32
CA SER A 211 9.49 4.65 -13.80
C SER A 211 10.56 5.62 -13.26
N LEU A 212 10.76 6.75 -13.92
CA LEU A 212 11.77 7.73 -13.55
C LEU A 212 11.62 8.27 -12.13
N ALA A 213 12.74 8.60 -11.52
CA ALA A 213 12.72 9.21 -10.18
C ALA A 213 12.60 10.74 -10.37
N ASP A 214 12.03 11.46 -9.38
CA ASP A 214 11.68 12.87 -9.60
C ASP A 214 12.87 13.66 -10.08
N ALA A 215 14.04 13.20 -9.68
CA ALA A 215 15.26 13.95 -9.85
C ALA A 215 15.93 13.68 -11.24
N ASP A 216 15.63 12.56 -11.89
CA ASP A 216 16.02 12.34 -13.31
C ASP A 216 15.73 13.52 -14.25
N GLU A 217 16.75 13.91 -14.97
CA GLU A 217 16.58 14.86 -16.05
C GLU A 217 15.89 14.20 -17.25
N VAL A 218 14.94 14.94 -17.82
CA VAL A 218 14.22 14.54 -18.98
C VAL A 218 14.37 15.65 -19.99
N ILE A 219 14.70 15.26 -21.21
CA ILE A 219 14.81 16.16 -22.34
C ILE A 219 13.50 16.18 -23.14
N ILE A 220 13.05 17.37 -23.50
CA ILE A 220 11.78 17.57 -24.21
C ILE A 220 12.02 18.34 -25.49
N ARG A 221 11.35 17.97 -26.58
CA ARG A 221 11.40 18.77 -27.84
C ARG A 221 10.02 18.75 -28.46
N PHE A 222 9.54 19.89 -29.00
CA PHE A 222 8.20 19.93 -29.67
C PHE A 222 7.95 21.03 -30.71
N GLY A 223 6.72 21.17 -31.19
CA GLY A 223 6.32 22.24 -32.10
C GLY A 223 4.82 22.19 -32.32
N PHE A 224 4.33 22.89 -33.34
CA PHE A 224 2.89 22.84 -33.64
C PHE A 224 2.48 21.53 -34.31
N ASP A 225 1.54 20.82 -33.68
CA ASP A 225 0.96 19.60 -34.26
C ASP A 225 2.03 18.67 -34.87
N ILE A 226 3.13 18.52 -34.13
CA ILE A 226 4.27 17.65 -34.49
C ILE A 226 4.68 16.69 -33.32
N PRO A 227 5.18 15.48 -33.62
CA PRO A 227 5.43 14.53 -32.52
C PRO A 227 6.21 15.15 -31.35
N LEU A 228 5.87 14.80 -30.11
CA LEU A 228 6.66 15.25 -28.95
C LEU A 228 7.81 14.28 -28.68
N LEU A 229 9.01 14.81 -28.37
CA LEU A 229 10.12 13.94 -27.86
C LEU A 229 10.28 14.03 -26.34
N LEU A 230 10.35 12.88 -25.69
CA LEU A 230 10.80 12.82 -24.31
C LEU A 230 11.91 11.76 -24.32
N LYS A 231 13.07 12.21 -23.88
CA LYS A 231 14.28 11.43 -23.90
C LYS A 231 14.91 11.38 -22.51
N TYR A 232 15.27 10.18 -22.08
CA TYR A 232 16.09 10.06 -20.89
C TYR A 232 17.41 9.35 -21.09
N MET A 233 18.46 9.99 -20.57
CA MET A 233 19.81 9.46 -20.58
C MET A 233 19.88 8.41 -19.50
N VAL A 234 20.44 7.24 -19.79
CA VAL A 234 20.52 6.18 -18.73
C VAL A 234 21.97 5.98 -18.32
N ARG A 235 22.26 6.29 -17.06
CA ARG A 235 23.62 6.39 -16.54
C ARG A 235 24.60 7.08 -17.47
N ASP A 236 24.20 8.22 -18.03
CA ASP A 236 25.12 9.02 -18.84
C ASP A 236 25.83 8.13 -19.85
N ALA A 237 25.04 7.61 -20.79
CA ALA A 237 25.49 6.69 -21.85
C ALA A 237 24.31 6.08 -22.58
N GLY A 238 23.43 5.39 -21.88
CA GLY A 238 22.17 4.95 -22.53
C GLY A 238 21.28 6.10 -22.96
N GLU A 239 20.46 5.88 -24.00
CA GLU A 239 19.39 6.79 -24.39
C GLU A 239 18.11 6.04 -24.35
N VAL A 240 17.03 6.70 -23.97
CA VAL A 240 15.66 6.20 -24.17
C VAL A 240 14.77 7.35 -24.62
N SER A 241 14.14 7.14 -25.76
CA SER A 241 13.47 8.16 -26.53
C SER A 241 12.10 7.68 -26.91
N PHE A 242 11.11 8.50 -26.61
CA PHE A 242 9.76 8.34 -27.06
C PHE A 242 9.33 9.50 -27.97
N LEU A 243 8.78 9.15 -29.13
CA LEU A 243 8.04 10.13 -29.92
C LEU A 243 6.55 9.91 -29.72
N ILE A 244 5.84 10.96 -29.37
CA ILE A 244 4.40 10.84 -29.13
C ILE A 244 3.66 11.72 -30.13
N ALA A 245 2.82 11.08 -30.94
CA ALA A 245 2.05 11.79 -31.96
C ALA A 245 1.10 12.81 -31.33
N PRO A 246 0.95 13.98 -32.00
CA PRO A 246 0.08 15.06 -31.53
C PRO A 246 -1.39 14.72 -31.64
N ARG A 247 -2.23 15.70 -31.39
CA ARG A 247 -3.66 15.50 -31.36
C ARG A 247 -4.38 16.62 -32.07
N VAL A 248 -5.73 16.54 -31.99
CA VAL A 248 -6.78 17.39 -32.65
C VAL A 248 -7.36 16.73 -33.89
N THR B 2 -11.71 -23.32 33.59
CA THR B 2 -11.13 -22.04 34.13
C THR B 2 -9.60 -21.90 33.92
N PHE B 3 -9.22 -20.83 33.25
CA PHE B 3 -7.82 -20.47 33.11
C PHE B 3 -7.62 -18.98 32.86
N GLU B 4 -6.38 -18.55 33.08
CA GLU B 4 -5.92 -17.24 32.69
C GLU B 4 -4.50 -17.42 32.18
N ILE B 5 -4.27 -16.94 30.95
CA ILE B 5 -3.00 -17.07 30.27
C ILE B 5 -2.58 -15.73 29.69
N VAL B 6 -1.30 -15.41 29.88
CA VAL B 6 -0.75 -14.12 29.50
C VAL B 6 0.45 -14.31 28.56
N PHE B 7 0.41 -13.68 27.40
CA PHE B 7 1.56 -13.74 26.47
C PHE B 7 2.09 -12.35 26.16
N ASP B 8 3.42 -12.24 26.04
CA ASP B 8 4.14 -10.96 26.04
C ASP B 8 3.82 -10.15 24.81
N SER B 9 3.47 -10.80 23.72
CA SER B 9 3.39 -10.12 22.45
C SER B 9 2.18 -10.59 21.66
N ALA B 10 1.09 -9.83 21.77
CA ALA B 10 -0.10 -10.11 21.02
C ALA B 10 0.20 -10.13 19.50
N ARG B 11 1.07 -9.23 19.05
CA ARG B 11 1.46 -9.24 17.65
C ARG B 11 2.14 -10.57 17.27
N GLU B 12 3.05 -11.07 18.10
CA GLU B 12 3.70 -12.33 17.81
C GLU B 12 2.66 -13.41 17.68
N PHE B 13 1.71 -13.43 18.62
CA PHE B 13 0.63 -14.43 18.56
C PHE B 13 -0.18 -14.29 17.27
N GLU B 14 -0.44 -13.06 16.84
CA GLU B 14 -1.12 -12.81 15.56
C GLU B 14 -0.56 -13.60 14.36
N SER B 15 0.76 -13.56 14.20
CA SER B 15 1.48 -14.26 13.11
C SER B 15 1.10 -15.72 13.02
N LEU B 16 1.10 -16.42 14.17
CA LEU B 16 0.68 -17.82 14.20
C LEU B 16 -0.78 -17.99 13.79
N ILE B 17 -1.63 -17.16 14.38
CA ILE B 17 -3.02 -17.32 14.08
C ILE B 17 -3.25 -17.07 12.56
N ALA B 18 -2.47 -16.15 11.97
CA ALA B 18 -2.74 -15.73 10.61
C ALA B 18 -2.38 -16.88 9.65
N THR B 19 -1.40 -17.69 10.06
CA THR B 19 -1.11 -18.93 9.33
C THR B 19 -2.21 -19.96 9.47
N LEU B 20 -2.57 -20.29 10.71
CA LEU B 20 -3.59 -21.33 10.95
C LEU B 20 -4.80 -20.97 10.17
N GLU B 21 -5.06 -19.67 10.13
CA GLU B 21 -6.27 -19.19 9.52
C GLU B 21 -6.31 -19.33 8.01
N LYS B 22 -5.16 -19.41 7.35
CA LYS B 22 -5.19 -19.61 5.89
C LYS B 22 -5.62 -21.06 5.59
N PHE B 23 -5.61 -21.92 6.59
CA PHE B 23 -5.93 -23.32 6.34
C PHE B 23 -7.17 -23.84 7.04
N PHE B 24 -7.53 -23.23 8.17
CA PHE B 24 -8.74 -23.65 8.88
C PHE B 24 -9.71 -22.47 9.11
N ASP B 25 -10.99 -22.78 9.32
CA ASP B 25 -12.01 -21.83 9.77
C ASP B 25 -12.10 -21.79 11.28
N GLU B 26 -11.76 -22.90 11.90
CA GLU B 26 -11.87 -23.08 13.31
C GLU B 26 -10.72 -23.90 13.83
N ALA B 27 -10.31 -23.58 15.04
CA ALA B 27 -9.20 -24.23 15.67
C ALA B 27 -9.66 -24.87 16.96
N VAL B 28 -9.13 -26.03 17.27
CA VAL B 28 -9.38 -26.64 18.57
C VAL B 28 -8.06 -26.66 19.28
N PHE B 29 -7.92 -25.80 20.29
CA PHE B 29 -6.74 -25.73 21.14
C PHE B 29 -6.92 -26.57 22.39
N GLN B 30 -5.99 -27.47 22.65
CA GLN B 30 -6.02 -28.31 23.84
C GLN B 30 -5.18 -27.64 24.92
N VAL B 31 -5.84 -27.13 25.96
CA VAL B 31 -5.15 -26.40 27.01
C VAL B 31 -4.80 -27.28 28.21
N ASN B 32 -3.50 -27.52 28.40
CA ASN B 32 -3.01 -28.43 29.42
C ASN B 32 -2.13 -27.76 30.46
N MET B 33 -1.84 -28.46 31.57
CA MET B 33 -0.97 -27.90 32.59
C MET B 33 0.33 -27.53 31.91
N GLU B 34 0.74 -28.41 30.97
CA GLU B 34 2.04 -28.38 30.29
C GLU B 34 2.11 -27.31 29.23
N GLY B 35 0.95 -26.92 28.71
CA GLY B 35 0.90 -25.91 27.68
C GLY B 35 -0.31 -26.09 26.79
N ILE B 36 -0.18 -25.60 25.56
CA ILE B 36 -1.22 -25.68 24.52
C ILE B 36 -0.78 -26.56 23.33
N GLN B 37 -1.74 -27.25 22.74
CA GLN B 37 -1.47 -28.18 21.65
C GLN B 37 -2.57 -28.05 20.58
N MET B 38 -2.22 -28.21 19.32
CA MET B 38 -3.22 -28.31 18.29
C MET B 38 -2.66 -29.26 17.27
N ARG B 39 -3.53 -30.10 16.74
CA ARG B 39 -3.13 -30.94 15.65
C ARG B 39 -4.35 -31.24 14.91
N ALA B 40 -4.38 -30.82 13.65
CA ALA B 40 -5.45 -31.16 12.74
C ALA B 40 -5.01 -31.25 11.27
N ILE B 41 -5.90 -31.81 10.44
CA ILE B 41 -5.74 -31.80 8.99
C ILE B 41 -6.74 -30.83 8.35
N ASP B 42 -6.37 -30.16 7.26
CA ASP B 42 -7.29 -29.23 6.61
C ASP B 42 -8.32 -29.96 5.77
N PRO B 43 -9.53 -29.37 5.65
CA PRO B 43 -10.57 -29.95 4.81
C PRO B 43 -10.06 -30.55 3.48
N SER B 44 -9.24 -29.79 2.76
CA SER B 44 -8.72 -30.25 1.47
C SER B 44 -7.81 -31.49 1.58
N ARG B 45 -7.27 -31.72 2.78
CA ARG B 45 -6.52 -32.94 3.12
C ARG B 45 -5.11 -33.07 2.53
N VAL B 46 -4.39 -31.95 2.45
CA VAL B 46 -3.01 -31.96 1.96
C VAL B 46 -2.07 -31.66 3.13
N VAL B 47 -2.56 -30.80 4.04
CA VAL B 47 -1.76 -30.25 5.11
C VAL B 47 -2.18 -30.72 6.49
N LEU B 48 -1.21 -31.20 7.25
CA LEU B 48 -1.37 -31.48 8.66
C LEU B 48 -0.57 -30.43 9.46
N VAL B 49 -1.20 -29.89 10.49
CA VAL B 49 -0.53 -28.95 11.38
C VAL B 49 -0.44 -29.59 12.76
N ASP B 50 0.66 -29.33 13.42
CA ASP B 50 0.92 -29.74 14.78
C ASP B 50 1.53 -28.54 15.51
N LEU B 51 1.01 -28.23 16.68
CA LEU B 51 1.40 -26.99 17.36
C LEU B 51 1.60 -27.21 18.85
N ASN B 52 2.84 -27.14 19.31
CA ASN B 52 3.11 -27.22 20.73
C ASN B 52 3.56 -25.86 21.35
N LEU B 53 2.77 -25.30 22.26
CA LEU B 53 3.18 -24.10 23.00
C LEU B 53 3.31 -24.37 24.51
N PRO B 54 4.51 -24.73 24.97
CA PRO B 54 4.68 -25.05 26.37
C PRO B 54 4.42 -23.87 27.29
N GLU B 55 3.94 -24.21 28.49
CA GLU B 55 3.77 -23.29 29.61
C GLU B 55 4.88 -22.24 29.61
N MET B 56 6.12 -22.70 29.56
CA MET B 56 7.37 -21.88 29.46
C MET B 56 7.29 -20.51 28.74
N LEU B 57 6.50 -20.42 27.67
CA LEU B 57 6.55 -19.20 26.82
C LEU B 57 5.74 -18.02 27.37
N PHE B 58 4.81 -18.33 28.26
CA PHE B 58 3.87 -17.36 28.75
C PHE B 58 4.34 -16.64 30.02
N SER B 59 4.10 -15.33 30.09
CA SER B 59 4.51 -14.60 31.29
C SER B 59 3.67 -15.06 32.50
N LYS B 60 2.40 -15.38 32.27
CA LYS B 60 1.60 -16.04 33.27
C LYS B 60 0.83 -17.19 32.64
N TYR B 61 0.97 -18.36 33.25
CA TYR B 61 0.26 -19.54 32.84
C TYR B 61 -0.44 -20.15 34.07
N SER B 62 -1.77 -20.17 34.03
CA SER B 62 -2.58 -20.61 35.17
C SER B 62 -3.84 -21.33 34.76
N VAL B 63 -3.76 -22.65 34.78
CA VAL B 63 -4.87 -23.51 34.42
C VAL B 63 -5.50 -24.08 35.68
N GLU B 64 -6.79 -23.86 35.84
CA GLU B 64 -7.53 -24.41 37.00
C GLU B 64 -8.04 -25.83 36.67
N SER B 65 -8.41 -26.09 35.42
CA SER B 65 -8.63 -27.43 34.84
C SER B 65 -8.41 -27.49 33.29
N GLU B 66 -7.96 -28.66 32.81
CA GLU B 66 -7.54 -28.85 31.39
C GLU B 66 -8.65 -28.89 30.33
N GLU B 67 -8.76 -27.83 29.54
CA GLU B 67 -9.90 -27.72 28.60
C GLU B 67 -9.55 -27.82 27.10
N ALA B 68 -10.46 -28.42 26.33
CA ALA B 68 -10.54 -28.26 24.88
C ALA B 68 -11.38 -27.03 24.67
N ILE B 69 -10.97 -26.15 23.78
CA ILE B 69 -11.79 -24.97 23.45
C ILE B 69 -11.67 -24.70 21.96
N ALA B 70 -12.76 -24.25 21.37
CA ALA B 70 -12.82 -24.20 19.93
C ALA B 70 -13.42 -22.91 19.50
N PHE B 71 -12.78 -22.24 18.52
CA PHE B 71 -13.31 -20.94 18.06
C PHE B 71 -13.06 -20.64 16.60
N ASP B 72 -13.85 -19.72 16.08
CA ASP B 72 -13.75 -19.25 14.70
C ASP B 72 -12.37 -18.61 14.52
N LEU B 73 -11.60 -19.10 13.57
CA LEU B 73 -10.26 -18.54 13.40
C LEU B 73 -10.29 -17.10 12.91
N LYS B 74 -11.06 -16.85 11.86
CA LYS B 74 -11.19 -15.52 11.28
C LYS B 74 -11.75 -14.44 12.24
N ARG B 75 -12.46 -14.83 13.30
CA ARG B 75 -12.95 -13.87 14.30
C ARG B 75 -11.88 -13.60 15.33
N PHE B 76 -11.14 -14.64 15.66
CA PHE B 76 -10.06 -14.48 16.59
C PHE B 76 -9.01 -13.60 15.93
N LEU B 77 -8.67 -13.93 14.69
CA LEU B 77 -7.60 -13.25 13.97
C LEU B 77 -7.86 -11.77 13.83
N LYS B 78 -9.11 -11.41 13.49
CA LYS B 78 -9.47 -10.03 13.33
C LYS B 78 -9.22 -9.32 14.65
N VAL B 79 -9.59 -9.97 15.75
CA VAL B 79 -9.28 -9.43 17.05
C VAL B 79 -7.77 -9.12 17.17
N LEU B 80 -6.92 -10.13 16.89
CA LEU B 80 -5.51 -9.94 17.06
C LEU B 80 -4.91 -8.90 16.11
N LYS B 81 -5.52 -8.70 14.93
CA LYS B 81 -5.00 -7.70 14.01
C LYS B 81 -5.02 -6.26 14.55
N LEU B 82 -5.69 -6.05 15.68
CA LEU B 82 -5.85 -4.71 16.22
C LEU B 82 -4.79 -4.48 17.24
N ALA B 83 -4.03 -5.51 17.56
CA ALA B 83 -3.04 -5.41 18.60
C ALA B 83 -2.00 -4.40 18.18
N ARG B 84 -1.66 -3.53 19.11
CA ARG B 84 -0.64 -2.49 18.85
C ARG B 84 0.78 -2.99 19.17
N SER B 85 1.79 -2.21 18.80
CA SER B 85 3.20 -2.53 19.07
C SER B 85 3.48 -3.33 20.36
N ARG B 86 3.21 -2.79 21.53
CA ARG B 86 3.72 -3.52 22.68
C ARG B 86 2.66 -4.33 23.46
N ASP B 87 1.46 -4.44 22.91
CA ASP B 87 0.32 -5.03 23.62
C ASP B 87 0.58 -6.44 24.17
N THR B 88 0.23 -6.64 25.44
CA THR B 88 0.09 -7.97 26.06
C THR B 88 -1.20 -8.63 25.57
N LEU B 89 -1.24 -9.95 25.53
CA LEU B 89 -2.44 -10.66 25.18
C LEU B 89 -2.92 -11.53 26.35
N VAL B 90 -4.20 -11.42 26.69
CA VAL B 90 -4.76 -12.27 27.74
C VAL B 90 -5.81 -13.20 27.16
N LEU B 91 -5.71 -14.49 27.48
CA LEU B 91 -6.80 -15.44 27.25
C LEU B 91 -7.37 -15.97 28.55
N ARG B 92 -8.69 -15.96 28.66
CA ARG B 92 -9.35 -16.35 29.91
C ARG B 92 -10.70 -17.01 29.58
N LYS B 93 -10.88 -18.26 30.04
CA LYS B 93 -12.20 -18.84 30.18
C LYS B 93 -12.56 -18.87 31.67
N GLY B 94 -13.77 -18.36 31.95
CA GLY B 94 -14.52 -18.55 33.21
C GLY B 94 -15.77 -19.37 32.89
N GLY B 95 -16.66 -19.55 33.87
CA GLY B 95 -17.64 -20.69 33.83
C GLY B 95 -18.70 -20.76 32.73
N GLU B 96 -18.35 -20.37 31.50
CA GLU B 96 -19.32 -20.23 30.41
C GLU B 96 -18.72 -20.37 29.01
N ASN B 97 -19.59 -20.57 28.01
CA ASN B 97 -19.16 -20.72 26.61
C ASN B 97 -18.71 -19.42 25.91
N PHE B 98 -17.62 -18.84 26.44
CA PHE B 98 -16.98 -17.62 25.93
C PHE B 98 -15.49 -17.57 26.26
N LEU B 99 -14.71 -17.09 25.29
CA LEU B 99 -13.28 -16.84 25.48
C LEU B 99 -13.06 -15.33 25.69
N GLU B 100 -12.50 -15.01 26.84
CA GLU B 100 -12.23 -13.63 27.16
C GLU B 100 -10.88 -13.30 26.57
N VAL B 101 -10.87 -12.35 25.61
CA VAL B 101 -9.65 -11.91 24.93
C VAL B 101 -9.24 -10.47 25.27
N GLY B 102 -8.08 -10.34 25.88
CA GLY B 102 -7.64 -9.03 26.31
C GLY B 102 -6.40 -8.60 25.57
N LEU B 103 -6.42 -7.37 25.03
CA LEU B 103 -5.25 -6.71 24.45
C LEU B 103 -4.82 -5.54 25.36
N LEU B 104 -3.79 -5.79 26.19
CA LEU B 104 -3.48 -4.84 27.28
C LEU B 104 -2.30 -3.93 26.98
N GLY B 105 -2.57 -2.63 26.98
CA GLY B 105 -1.57 -1.64 26.56
C GLY B 105 -1.86 -0.20 26.89
N ASP B 106 -1.58 0.71 25.96
CA ASP B 106 -2.04 2.11 26.06
C ASP B 106 -3.56 2.18 26.33
N GLU B 107 -4.30 1.34 25.59
CA GLU B 107 -5.72 1.06 25.77
C GLU B 107 -5.84 -0.38 26.29
N ASN B 108 -6.84 -0.66 27.09
CA ASN B 108 -7.13 -2.04 27.45
C ASN B 108 -8.36 -2.41 26.65
N THR B 109 -8.30 -3.52 25.91
CA THR B 109 -9.48 -3.97 25.18
C THR B 109 -9.79 -5.41 25.44
N TRP B 110 -11.05 -5.68 25.75
CA TRP B 110 -11.55 -7.01 26.09
C TRP B 110 -12.66 -7.49 25.15
N PHE B 111 -12.49 -8.67 24.56
CA PHE B 111 -13.58 -9.26 23.80
C PHE B 111 -14.14 -10.46 24.55
N LYS B 112 -15.42 -10.69 24.39
CA LYS B 112 -16.01 -11.98 24.71
C LYS B 112 -16.34 -12.56 23.36
N LEU B 113 -15.76 -13.70 23.01
CA LEU B 113 -16.21 -14.37 21.78
C LEU B 113 -16.55 -15.78 22.12
N PRO B 114 -17.60 -16.31 21.46
CA PRO B 114 -18.23 -17.58 21.84
C PRO B 114 -17.34 -18.74 21.49
N LEU B 115 -17.54 -19.84 22.21
CA LEU B 115 -16.94 -21.11 21.85
C LEU B 115 -17.93 -21.90 21.03
N ILE B 116 -17.42 -22.56 20.00
CA ILE B 116 -18.23 -23.45 19.19
C ILE B 116 -17.96 -24.88 19.62
N ASP B 117 -18.76 -25.81 19.14
CA ASP B 117 -18.62 -27.25 19.46
C ASP B 117 -17.28 -27.92 19.14
N ALA B 118 -16.63 -28.28 20.24
CA ALA B 118 -15.19 -28.44 20.31
C ALA B 118 -14.77 -29.81 19.83
N ASN B 119 -15.11 -30.15 18.61
CA ASN B 119 -14.81 -31.50 18.23
C ASN B 119 -13.82 -31.85 17.12
N THR B 120 -12.60 -32.21 17.51
CA THR B 120 -11.59 -32.69 16.55
C THR B 120 -10.89 -34.03 16.97
N PRO B 121 -10.75 -34.97 16.03
CA PRO B 121 -10.28 -36.31 16.38
C PRO B 121 -8.81 -36.41 16.83
N GLU B 122 -8.48 -37.53 17.47
CA GLU B 122 -7.10 -37.94 17.70
C GLU B 122 -6.41 -38.29 16.38
N ILE B 123 -5.14 -37.90 16.26
CA ILE B 123 -4.39 -38.05 15.01
C ILE B 123 -2.98 -38.48 15.33
N GLU B 124 -2.46 -39.44 14.57
CA GLU B 124 -1.07 -39.93 14.72
C GLU B 124 -0.18 -39.35 13.61
N ILE B 125 0.93 -38.72 14.01
CA ILE B 125 1.93 -38.23 13.07
C ILE B 125 2.84 -39.42 12.69
N PRO B 126 2.61 -40.04 11.50
CA PRO B 126 3.40 -41.25 11.19
C PRO B 126 4.87 -40.90 10.97
N SER B 127 5.77 -41.56 11.71
CA SER B 127 7.18 -41.41 11.45
C SER B 127 7.30 -41.79 10.00
N LEU B 128 8.07 -41.01 9.25
CA LEU B 128 8.27 -41.26 7.83
C LEU B 128 9.72 -40.99 7.35
N PRO B 129 10.17 -41.75 6.32
CA PRO B 129 11.59 -41.90 5.97
C PRO B 129 12.21 -40.74 5.19
N TRP B 130 12.53 -39.67 5.94
CA TRP B 130 13.16 -38.51 5.36
C TRP B 130 14.62 -38.81 5.03
N THR B 131 15.07 -38.41 3.84
CA THR B 131 16.48 -38.59 3.43
C THR B 131 17.30 -37.28 3.49
N VAL B 132 16.59 -36.14 3.45
CA VAL B 132 17.18 -34.79 3.45
C VAL B 132 16.67 -33.91 4.57
N LYS B 133 17.59 -33.33 5.33
CA LYS B 133 17.23 -32.29 6.27
C LYS B 133 17.93 -30.95 5.95
N ALA B 134 17.20 -29.84 6.16
CA ALA B 134 17.81 -28.50 6.12
C ALA B 134 17.22 -27.42 7.05
N VAL B 135 18.09 -26.50 7.48
CA VAL B 135 17.73 -25.29 8.22
C VAL B 135 17.97 -24.11 7.25
N VAL B 136 16.90 -23.46 6.80
CA VAL B 136 17.04 -22.34 5.88
C VAL B 136 16.39 -21.08 6.50
N LEU B 137 16.71 -19.90 5.99
CA LEU B 137 16.02 -18.68 6.47
C LEU B 137 14.75 -18.51 5.66
N ALA B 138 13.63 -18.17 6.29
CA ALA B 138 12.32 -18.01 5.60
C ALA B 138 12.42 -17.25 4.27
N GLY B 139 13.18 -16.16 4.29
CA GLY B 139 13.28 -15.28 3.13
C GLY B 139 13.64 -16.05 1.91
N ALA B 140 14.66 -16.87 2.05
CA ALA B 140 15.07 -17.77 0.98
C ALA B 140 13.92 -18.67 0.48
N LEU B 141 13.26 -19.43 1.35
CA LEU B 141 12.14 -20.21 0.84
C LEU B 141 11.03 -19.35 0.23
N LYS B 142 10.70 -18.20 0.81
CA LYS B 142 9.64 -17.37 0.21
C LYS B 142 10.02 -16.88 -1.18
N ARG B 143 11.31 -16.64 -1.43
CA ARG B 143 11.60 -16.15 -2.77
C ARG B 143 11.39 -17.30 -3.70
N ALA B 144 11.84 -18.47 -3.29
CA ALA B 144 11.84 -19.61 -4.12
C ALA B 144 10.43 -19.94 -4.59
N VAL B 145 9.51 -19.95 -3.63
CA VAL B 145 8.13 -20.28 -3.90
C VAL B 145 7.56 -19.25 -4.80
N LYS B 146 7.89 -17.99 -4.53
CA LYS B 146 7.33 -16.89 -5.27
C LYS B 146 7.82 -16.93 -6.73
N ALA B 147 9.10 -17.23 -6.94
CA ALA B 147 9.59 -17.41 -8.30
C ALA B 147 8.98 -18.68 -8.98
N ALA B 148 8.89 -19.81 -8.29
CA ALA B 148 8.18 -20.99 -8.83
C ALA B 148 6.71 -20.73 -9.31
N LYS B 149 5.93 -20.01 -8.48
CA LYS B 149 4.53 -19.60 -8.75
C LYS B 149 4.26 -18.99 -10.11
N LEU B 150 5.24 -18.25 -10.64
CA LEU B 150 5.26 -17.72 -12.01
C LEU B 150 5.20 -18.75 -13.14
N VAL B 151 5.73 -19.92 -12.87
CA VAL B 151 5.96 -20.92 -13.88
C VAL B 151 4.93 -22.04 -13.79
N SER B 152 4.42 -22.26 -12.58
CA SER B 152 3.71 -23.48 -12.27
C SER B 152 3.00 -23.47 -10.89
N ASP B 153 2.26 -24.53 -10.64
CA ASP B 153 1.41 -24.66 -9.46
C ASP B 153 2.19 -25.45 -8.38
N SER B 154 3.20 -26.19 -8.81
CA SER B 154 4.02 -26.95 -7.87
C SER B 154 5.53 -26.71 -8.04
N ILE B 155 6.24 -26.92 -6.93
CA ILE B 155 7.66 -26.65 -6.85
C ILE B 155 8.39 -27.89 -6.38
N TYR B 156 9.51 -28.22 -7.03
CA TYR B 156 10.36 -29.34 -6.58
C TYR B 156 11.40 -28.92 -5.58
N PHE B 157 11.50 -29.66 -4.48
CA PHE B 157 12.62 -29.55 -3.56
C PHE B 157 13.69 -30.60 -3.93
N MET B 158 14.90 -30.15 -4.23
CA MET B 158 16.00 -31.00 -4.67
C MET B 158 17.26 -30.67 -3.88
N ALA B 159 18.03 -31.71 -3.55
CA ALA B 159 19.27 -31.56 -2.80
C ALA B 159 20.37 -32.44 -3.35
N THR B 160 21.59 -31.90 -3.34
CA THR B 160 22.84 -32.65 -3.59
C THR B 160 23.62 -32.38 -2.31
N PRO B 161 24.80 -33.03 -2.09
CA PRO B 161 25.39 -32.80 -0.75
C PRO B 161 25.93 -31.38 -0.62
N GLU B 162 26.19 -30.81 -1.78
CA GLU B 162 26.54 -29.42 -1.95
C GLU B 162 25.35 -28.43 -1.89
N LYS B 163 24.16 -28.75 -2.42
CA LYS B 163 23.12 -27.71 -2.56
C LYS B 163 21.63 -28.05 -2.55
N LEU B 164 20.85 -27.06 -2.12
CA LEU B 164 19.42 -27.14 -2.14
C LEU B 164 18.95 -26.34 -3.32
N THR B 165 18.09 -26.94 -4.12
CA THR B 165 17.53 -26.19 -5.21
C THR B 165 16.00 -26.34 -5.22
N PHE B 166 15.30 -25.30 -5.64
CA PHE B 166 13.81 -25.30 -5.74
C PHE B 166 13.51 -25.04 -7.19
N LYS B 167 12.96 -26.03 -7.90
CA LYS B 167 12.64 -25.83 -9.33
C LYS B 167 11.17 -25.98 -9.73
N ALA B 168 10.86 -25.46 -10.90
CA ALA B 168 9.51 -25.51 -11.43
C ALA B 168 9.55 -25.44 -12.95
N GLU B 169 8.77 -26.30 -13.58
CA GLU B 169 8.71 -26.42 -15.03
C GLU B 169 7.24 -26.31 -15.27
N GLY B 170 6.86 -25.57 -16.28
CA GLY B 170 5.46 -25.24 -16.40
C GLY B 170 5.17 -24.39 -17.59
N ASN B 171 4.17 -24.87 -18.36
CA ASN B 171 3.92 -24.49 -19.76
C ASN B 171 5.13 -24.69 -20.72
N ASP B 172 5.99 -23.66 -20.85
CA ASP B 172 7.14 -23.61 -21.76
C ASP B 172 8.14 -22.68 -21.11
N SER B 173 8.43 -23.00 -19.85
CA SER B 173 9.20 -22.15 -19.00
C SER B 173 9.72 -22.98 -17.85
N GLU B 174 10.83 -22.54 -17.26
CA GLU B 174 11.28 -23.14 -16.04
C GLU B 174 12.03 -22.15 -15.22
N VAL B 175 12.18 -22.46 -13.93
CA VAL B 175 12.91 -21.62 -13.03
C VAL B 175 13.64 -22.53 -12.06
N ARG B 176 14.77 -22.06 -11.58
CA ARG B 176 15.54 -22.81 -10.62
C ARG B 176 16.04 -21.75 -9.63
N THR B 177 15.91 -22.05 -8.34
CA THR B 177 16.56 -21.30 -7.26
C THR B 177 17.54 -22.23 -6.52
N VAL B 178 18.79 -21.79 -6.49
CA VAL B 178 19.92 -22.49 -5.90
C VAL B 178 20.48 -21.80 -4.62
N LEU B 179 20.75 -22.61 -3.59
CA LEU B 179 21.34 -22.18 -2.32
C LEU B 179 22.53 -23.07 -2.07
N THR B 180 23.64 -22.50 -1.63
CA THR B 180 24.80 -23.31 -1.23
C THR B 180 25.15 -22.94 0.18
N MET B 181 26.14 -23.60 0.75
CA MET B 181 26.42 -23.39 2.18
C MET B 181 26.99 -22.01 2.56
N GLU B 182 27.57 -21.32 1.58
CA GLU B 182 28.18 -20.01 1.77
C GLU B 182 27.11 -18.92 1.87
N ASP B 183 25.97 -19.21 1.29
CA ASP B 183 24.87 -18.27 1.33
C ASP B 183 24.30 -18.12 2.72
N PRO B 184 23.83 -16.91 3.03
CA PRO B 184 23.23 -16.70 4.33
C PRO B 184 21.94 -17.48 4.49
N GLY B 185 21.27 -17.83 3.39
CA GLY B 185 19.98 -18.53 3.47
C GLY B 185 20.02 -20.01 3.89
N LEU B 186 21.18 -20.64 3.79
CA LEU B 186 21.30 -22.07 4.12
C LEU B 186 22.26 -22.27 5.30
N LEU B 187 21.74 -22.69 6.45
CA LEU B 187 22.53 -22.77 7.68
C LEU B 187 23.06 -24.17 7.89
N ASP B 188 22.33 -25.13 7.35
CA ASP B 188 22.66 -26.50 7.63
C ASP B 188 22.03 -27.43 6.59
N LEU B 189 22.84 -28.32 6.05
CA LEU B 189 22.36 -29.38 5.15
C LEU B 189 22.80 -30.80 5.59
N GLU B 190 21.81 -31.62 5.93
CA GLU B 190 21.96 -33.04 6.30
C GLU B 190 21.33 -33.93 5.22
N HIS B 191 22.10 -34.93 4.80
CA HIS B 191 21.58 -35.90 3.87
C HIS B 191 21.95 -37.31 4.35
N LYS B 192 21.05 -38.25 4.08
CA LYS B 192 21.23 -39.68 4.32
C LYS B 192 21.55 -40.34 2.99
N MET B 193 20.67 -40.17 2.02
CA MET B 193 20.94 -40.44 0.61
C MET B 193 21.74 -39.24 0.15
N THR B 194 22.29 -39.31 -1.05
CA THR B 194 23.06 -38.22 -1.65
C THR B 194 22.20 -37.29 -2.53
N LYS B 195 21.24 -37.87 -3.25
CA LYS B 195 20.21 -37.12 -3.98
C LYS B 195 18.83 -37.05 -3.28
N ALA B 196 18.05 -36.01 -3.57
CA ALA B 196 16.67 -35.94 -3.08
C ALA B 196 15.76 -35.14 -4.00
N LYS B 197 14.51 -35.62 -4.16
CA LYS B 197 13.58 -34.99 -5.07
C LYS B 197 12.14 -35.28 -4.63
N SER B 198 11.33 -34.25 -4.44
CA SER B 198 9.89 -34.37 -4.12
C SER B 198 9.23 -33.09 -4.57
N ALA B 199 7.98 -33.17 -5.04
CA ALA B 199 7.25 -31.97 -5.53
C ALA B 199 6.22 -31.50 -4.49
N TYR B 200 5.91 -30.18 -4.43
CA TYR B 200 4.73 -29.72 -3.62
C TYR B 200 3.86 -28.53 -4.08
N GLY B 201 2.73 -28.35 -3.42
CA GLY B 201 1.84 -27.23 -3.68
C GLY B 201 2.40 -25.85 -3.35
N VAL B 202 2.66 -25.10 -4.41
CA VAL B 202 3.07 -23.72 -4.33
C VAL B 202 2.12 -22.89 -3.44
N ALA B 203 0.81 -23.06 -3.66
CA ALA B 203 -0.18 -22.25 -2.98
C ALA B 203 -0.17 -22.48 -1.46
N TYR B 204 0.00 -23.75 -1.07
CA TYR B 204 0.09 -24.10 0.35
C TYR B 204 1.34 -23.52 1.01
N LEU B 205 2.48 -23.70 0.36
CA LEU B 205 3.76 -23.23 0.87
C LEU B 205 3.78 -21.73 1.12
N GLU B 206 3.09 -21.02 0.24
CA GLU B 206 2.95 -19.57 0.26
C GLU B 206 2.32 -19.18 1.55
N ASP B 207 1.27 -19.91 1.87
CA ASP B 207 0.40 -19.57 2.97
C ASP B 207 1.12 -19.87 4.27
N ILE B 208 1.87 -20.96 4.31
CA ILE B 208 2.61 -21.31 5.51
C ILE B 208 3.63 -20.27 5.82
N LEU B 209 4.20 -19.68 4.76
CA LEU B 209 5.42 -18.89 4.90
C LEU B 209 5.19 -17.39 5.11
N ARG B 210 4.00 -16.89 4.77
CA ARG B 210 3.84 -15.46 4.69
C ARG B 210 3.99 -14.69 6.03
N SER B 211 3.66 -15.28 7.17
CA SER B 211 3.74 -14.67 8.51
C SER B 211 5.15 -14.62 9.03
N LEU B 212 5.95 -15.59 8.59
CA LEU B 212 7.33 -15.68 8.98
C LEU B 212 8.07 -14.40 8.62
N ALA B 213 8.96 -13.99 9.52
CA ALA B 213 9.97 -12.97 9.19
C ALA B 213 11.00 -13.56 8.22
N ASP B 214 11.58 -12.75 7.35
CA ASP B 214 12.64 -13.18 6.45
C ASP B 214 13.81 -13.88 7.13
N ALA B 215 14.09 -13.51 8.36
CA ALA B 215 15.26 -13.99 9.09
C ALA B 215 14.94 -15.19 9.96
N ASP B 216 13.69 -15.64 10.03
CA ASP B 216 13.36 -16.84 10.83
C ASP B 216 13.96 -18.14 10.27
N GLU B 217 14.55 -18.93 11.14
CA GLU B 217 14.93 -20.28 10.75
C GLU B 217 13.74 -21.20 10.58
N VAL B 218 13.79 -21.93 9.48
CA VAL B 218 12.83 -22.95 9.11
C VAL B 218 13.60 -24.25 8.91
N ILE B 219 13.19 -25.30 9.63
CA ILE B 219 13.70 -26.65 9.39
C ILE B 219 12.85 -27.41 8.36
N ILE B 220 13.48 -27.89 7.31
CA ILE B 220 12.80 -28.71 6.30
C ILE B 220 13.38 -30.12 6.22
N ARG B 221 12.48 -31.09 6.20
CA ARG B 221 12.77 -32.54 6.05
C ARG B 221 11.90 -33.02 4.91
N PHE B 222 12.53 -33.52 3.85
CA PHE B 222 11.81 -34.19 2.79
C PHE B 222 12.55 -35.43 2.27
N GLY B 223 12.09 -36.00 1.15
CA GLY B 223 12.71 -37.23 0.63
C GLY B 223 12.26 -37.62 -0.75
N PHE B 224 12.56 -38.84 -1.20
CA PHE B 224 11.97 -39.32 -2.45
C PHE B 224 10.46 -39.53 -2.22
N ASP B 225 9.65 -38.68 -2.83
CA ASP B 225 8.15 -38.74 -2.81
C ASP B 225 7.39 -38.97 -1.49
N ILE B 226 7.71 -38.14 -0.51
CA ILE B 226 7.14 -38.16 0.86
C ILE B 226 6.65 -36.76 1.28
N PRO B 227 5.67 -36.69 2.22
CA PRO B 227 5.30 -35.32 2.63
C PRO B 227 6.47 -34.50 3.08
N LEU B 228 6.42 -33.21 2.80
CA LEU B 228 7.40 -32.29 3.35
C LEU B 228 7.02 -31.85 4.76
N LEU B 229 8.02 -31.83 5.64
CA LEU B 229 7.91 -31.21 6.97
C LEU B 229 8.51 -29.79 6.99
N LEU B 230 7.67 -28.76 7.12
CA LEU B 230 8.19 -27.44 7.40
C LEU B 230 8.01 -27.20 8.90
N LYS B 231 9.10 -26.92 9.58
CA LYS B 231 9.02 -26.72 11.00
C LYS B 231 9.60 -25.36 11.35
N TYR B 232 9.01 -24.68 12.32
CA TYR B 232 9.73 -23.63 13.04
C TYR B 232 9.51 -23.61 14.54
N MET B 233 10.53 -23.15 15.24
CA MET B 233 10.56 -23.10 16.70
C MET B 233 9.98 -21.79 17.20
N VAL B 234 9.34 -21.84 18.36
CA VAL B 234 8.72 -20.61 18.88
C VAL B 234 9.52 -20.20 20.08
N ARG B 235 9.95 -18.93 20.09
CA ARG B 235 10.91 -18.39 21.04
C ARG B 235 11.82 -19.48 21.55
N ASP B 236 12.28 -20.33 20.63
CA ASP B 236 13.14 -21.51 20.95
C ASP B 236 12.38 -22.74 21.49
N ALA B 237 11.46 -22.56 22.47
CA ALA B 237 10.73 -23.72 23.10
C ALA B 237 9.44 -24.25 22.41
N GLY B 238 8.66 -23.36 21.80
CA GLY B 238 7.48 -23.80 21.05
C GLY B 238 7.83 -24.51 19.74
N GLU B 239 6.81 -24.93 18.99
CA GLU B 239 6.98 -25.65 17.72
C GLU B 239 5.72 -25.51 16.89
N VAL B 240 5.89 -25.09 15.63
CA VAL B 240 4.82 -25.14 14.65
C VAL B 240 5.31 -25.95 13.45
N SER B 241 4.47 -26.91 13.03
CA SER B 241 4.86 -27.90 12.03
C SER B 241 3.81 -28.13 11.00
N PHE B 242 4.24 -28.21 9.77
CA PHE B 242 3.34 -28.57 8.74
C PHE B 242 3.89 -29.78 8.03
N LEU B 243 2.98 -30.70 7.68
CA LEU B 243 3.30 -31.78 6.81
C LEU B 243 2.52 -31.52 5.56
N ILE B 244 3.22 -31.34 4.45
CA ILE B 244 2.55 -31.11 3.17
C ILE B 244 2.70 -32.36 2.35
N ALA B 245 1.64 -32.76 1.68
CA ALA B 245 1.62 -34.02 0.95
C ALA B 245 2.40 -33.84 -0.32
N PRO B 246 3.09 -34.88 -0.78
CA PRO B 246 3.73 -34.72 -2.09
C PRO B 246 2.69 -34.87 -3.16
N ARG B 247 3.08 -34.50 -4.39
CA ARG B 247 2.21 -34.50 -5.56
C ARG B 247 2.53 -35.66 -6.53
N THR C 2 -14.26 39.20 -4.94
CA THR C 2 -12.76 39.16 -4.96
C THR C 2 -12.05 38.87 -3.61
N PHE C 3 -11.56 37.63 -3.46
CA PHE C 3 -10.77 37.21 -2.31
C PHE C 3 -9.56 36.38 -2.64
N GLU C 4 -8.43 36.71 -2.04
CA GLU C 4 -7.22 35.88 -2.12
C GLU C 4 -6.76 35.50 -0.70
N ILE C 5 -7.00 34.24 -0.36
CA ILE C 5 -6.63 33.55 0.89
C ILE C 5 -5.42 32.64 0.63
N VAL C 6 -4.37 32.71 1.44
CA VAL C 6 -3.16 31.86 1.26
C VAL C 6 -2.88 31.02 2.50
N PHE C 7 -3.16 29.72 2.42
CA PHE C 7 -2.96 28.80 3.52
C PHE C 7 -1.60 28.12 3.47
N ASP C 8 -0.92 28.14 4.61
CA ASP C 8 0.42 27.55 4.87
C ASP C 8 0.73 26.12 4.29
N SER C 9 -0.22 25.22 4.52
CA SER C 9 -0.08 23.79 4.23
C SER C 9 -1.29 23.30 3.49
N ALA C 10 -1.11 23.10 2.18
CA ALA C 10 -2.10 22.34 1.42
C ALA C 10 -2.41 21.03 2.10
N ARG C 11 -1.38 20.29 2.49
CA ARG C 11 -1.60 18.96 3.03
C ARG C 11 -2.55 18.98 4.27
N GLU C 12 -2.36 19.91 5.17
CA GLU C 12 -3.29 19.99 6.31
C GLU C 12 -4.69 20.27 5.80
N PHE C 13 -4.78 21.22 4.88
CA PHE C 13 -6.08 21.55 4.35
C PHE C 13 -6.68 20.34 3.70
N GLU C 14 -5.86 19.46 3.15
CA GLU C 14 -6.39 18.25 2.47
C GLU C 14 -7.08 17.35 3.44
N SER C 15 -6.57 17.35 4.65
CA SER C 15 -6.99 16.36 5.63
C SER C 15 -8.41 16.72 6.03
N LEU C 16 -8.61 18.00 6.30
CA LEU C 16 -9.91 18.52 6.60
C LEU C 16 -10.89 18.20 5.44
N ILE C 17 -10.66 18.82 4.29
CA ILE C 17 -11.45 18.47 3.11
C ILE C 17 -11.79 16.98 3.01
N ALA C 18 -10.79 16.10 2.99
CA ALA C 18 -11.04 14.65 2.92
C ALA C 18 -12.19 14.19 3.78
N THR C 19 -12.25 14.70 5.02
CA THR C 19 -13.29 14.37 6.01
C THR C 19 -14.66 14.85 5.54
N LEU C 20 -14.79 16.16 5.29
CA LEU C 20 -16.07 16.73 4.86
C LEU C 20 -16.58 15.88 3.71
N GLU C 21 -15.72 15.64 2.72
CA GLU C 21 -16.09 14.84 1.56
C GLU C 21 -16.75 13.51 1.94
N LYS C 22 -16.37 12.88 3.04
CA LYS C 22 -16.99 11.59 3.39
C LYS C 22 -18.49 11.73 3.64
N PHE C 23 -18.96 12.98 3.68
CA PHE C 23 -20.33 13.30 4.14
C PHE C 23 -21.15 14.21 3.25
N PHE C 24 -20.51 15.12 2.55
CA PHE C 24 -21.20 15.98 1.62
C PHE C 24 -20.56 15.83 0.25
N ASP C 25 -21.33 15.99 -0.82
CA ASP C 25 -20.72 16.02 -2.16
C ASP C 25 -20.38 17.44 -2.53
N GLU C 26 -20.96 18.37 -1.79
CA GLU C 26 -20.80 19.78 -2.07
C GLU C 26 -20.78 20.51 -0.75
N ALA C 27 -20.29 21.74 -0.77
CA ALA C 27 -20.15 22.50 0.44
C ALA C 27 -20.20 23.97 0.10
N VAL C 28 -20.80 24.73 0.99
CA VAL C 28 -20.87 26.16 0.85
C VAL C 28 -19.92 26.80 1.84
N PHE C 29 -19.21 27.82 1.42
CA PHE C 29 -18.25 28.40 2.31
C PHE C 29 -18.53 29.87 2.36
N GLN C 30 -18.91 30.38 3.53
CA GLN C 30 -19.04 31.81 3.66
C GLN C 30 -17.68 32.36 3.90
N VAL C 31 -17.22 33.20 2.98
CA VAL C 31 -15.95 33.86 3.16
C VAL C 31 -16.24 35.23 3.70
N ASN C 32 -15.89 35.45 4.96
CA ASN C 32 -16.16 36.70 5.65
C ASN C 32 -14.90 37.45 5.94
N MET C 33 -15.05 38.67 6.40
CA MET C 33 -13.89 39.45 6.76
C MET C 33 -13.13 38.85 7.97
N GLU C 34 -13.83 38.11 8.82
CA GLU C 34 -13.21 37.55 10.02
C GLU C 34 -12.71 36.10 9.84
N GLY C 35 -13.45 35.28 9.06
CA GLY C 35 -13.04 33.91 8.67
C GLY C 35 -14.00 33.16 7.76
N ILE C 36 -13.70 31.89 7.46
CA ILE C 36 -14.54 31.01 6.65
C ILE C 36 -15.37 30.13 7.53
N GLN C 37 -16.65 30.04 7.23
CA GLN C 37 -17.57 29.27 8.07
C GLN C 37 -18.42 28.35 7.24
N MET C 38 -18.81 27.24 7.82
CA MET C 38 -19.68 26.33 7.14
C MET C 38 -20.42 25.52 8.16
N ARG C 39 -21.74 25.57 8.08
CA ARG C 39 -22.64 24.78 8.90
C ARG C 39 -23.46 23.96 7.91
N ALA C 40 -23.76 22.72 8.21
CA ALA C 40 -24.49 21.92 7.24
C ALA C 40 -24.79 20.53 7.70
N ILE C 41 -26.01 20.06 7.46
CA ILE C 41 -26.40 18.71 7.87
C ILE C 41 -26.28 17.88 6.63
N ASP C 42 -25.97 16.59 6.79
CA ASP C 42 -25.75 15.74 5.65
C ASP C 42 -27.07 15.23 5.09
N PRO C 43 -27.14 15.11 3.74
CA PRO C 43 -28.19 14.39 3.03
C PRO C 43 -28.82 13.24 3.80
N SER C 44 -28.03 12.38 4.44
CA SER C 44 -28.62 11.26 5.19
C SER C 44 -29.09 11.62 6.60
N ARG C 45 -28.93 12.89 6.98
CA ARG C 45 -29.60 13.46 8.18
C ARG C 45 -29.08 13.17 9.60
N VAL C 46 -27.96 12.46 9.74
CA VAL C 46 -27.51 12.02 11.06
C VAL C 46 -26.25 12.77 11.56
N VAL C 47 -25.72 13.64 10.71
CA VAL C 47 -24.48 14.31 11.04
C VAL C 47 -24.57 15.78 10.71
N LEU C 48 -24.07 16.61 11.61
CA LEU C 48 -24.03 18.04 11.39
C LEU C 48 -22.59 18.49 11.55
N VAL C 49 -22.14 19.29 10.59
CA VAL C 49 -20.78 19.75 10.59
C VAL C 49 -20.87 21.21 10.91
N ASP C 50 -19.98 21.66 11.78
CA ASP C 50 -19.70 23.08 11.94
C ASP C 50 -18.22 23.37 11.86
N LEU C 51 -17.90 24.41 11.10
CA LEU C 51 -16.55 24.67 10.72
C LEU C 51 -16.39 26.16 10.77
N ASN C 52 -15.26 26.58 11.31
CA ASN C 52 -14.98 27.99 11.41
C ASN C 52 -13.50 28.24 11.45
N LEU C 53 -13.00 28.97 10.46
CA LEU C 53 -11.58 29.16 10.30
C LEU C 53 -11.30 30.64 10.21
N PRO C 54 -10.98 31.26 11.37
CA PRO C 54 -10.73 32.70 11.55
C PRO C 54 -9.51 33.17 10.75
N GLU C 55 -9.51 34.44 10.33
CA GLU C 55 -8.50 35.02 9.43
C GLU C 55 -7.05 34.74 9.81
N MET C 56 -6.84 34.48 11.09
CA MET C 56 -5.48 34.40 11.62
C MET C 56 -4.79 33.11 11.21
N LEU C 57 -5.58 32.10 10.84
CA LEU C 57 -5.00 30.84 10.38
C LEU C 57 -4.21 30.99 9.07
N PHE C 58 -4.62 31.96 8.28
CA PHE C 58 -4.07 32.12 6.96
C PHE C 58 -2.93 33.12 6.97
N SER C 59 -1.96 32.86 6.10
CA SER C 59 -0.75 33.63 5.92
C SER C 59 -1.02 34.92 5.17
N LYS C 60 -2.25 35.00 4.66
CA LYS C 60 -2.70 36.08 3.83
C LYS C 60 -4.17 35.90 3.74
N TYR C 61 -4.89 37.00 3.88
CA TYR C 61 -6.30 36.91 3.95
C TYR C 61 -6.99 38.14 3.35
N SER C 62 -6.51 38.59 2.21
CA SER C 62 -7.12 39.70 1.48
C SER C 62 -8.48 39.23 0.99
N VAL C 63 -9.51 40.05 1.24
CA VAL C 63 -10.89 39.69 0.90
C VAL C 63 -11.71 40.96 0.67
N GLU C 64 -11.57 41.50 -0.53
CA GLU C 64 -12.22 42.76 -0.94
C GLU C 64 -13.73 42.86 -0.60
N SER C 65 -14.52 41.84 -0.91
CA SER C 65 -15.93 41.84 -0.51
C SER C 65 -16.37 40.44 -0.20
N GLU C 66 -17.37 40.31 0.66
CA GLU C 66 -17.80 39.01 1.19
C GLU C 66 -18.87 38.31 0.31
N GLU C 67 -18.79 36.98 0.19
CA GLU C 67 -19.79 36.14 -0.50
C GLU C 67 -19.69 34.66 -0.08
N ALA C 68 -20.82 33.95 -0.16
CA ALA C 68 -20.86 32.49 -0.05
C ALA C 68 -20.28 31.93 -1.34
N ILE C 69 -19.68 30.74 -1.30
CA ILE C 69 -19.30 30.01 -2.51
C ILE C 69 -19.48 28.53 -2.34
N ALA C 70 -20.13 27.90 -3.33
CA ALA C 70 -20.30 26.47 -3.29
C ALA C 70 -19.51 25.73 -4.37
N PHE C 71 -19.16 24.46 -4.12
CA PHE C 71 -18.34 23.63 -5.02
C PHE C 71 -18.32 22.13 -4.69
N ASP C 72 -18.00 21.32 -5.70
CA ASP C 72 -17.93 19.88 -5.51
C ASP C 72 -16.65 19.56 -4.72
N LEU C 73 -16.83 18.67 -3.76
CA LEU C 73 -15.80 18.41 -2.77
C LEU C 73 -14.78 17.45 -3.31
N LYS C 74 -15.25 16.39 -3.96
CA LYS C 74 -14.42 15.39 -4.57
C LYS C 74 -13.52 16.03 -5.60
N ARG C 75 -14.07 16.97 -6.35
CA ARG C 75 -13.22 17.65 -7.28
C ARG C 75 -12.12 18.44 -6.55
N PHE C 76 -12.49 19.25 -5.56
CA PHE C 76 -11.53 20.02 -4.72
C PHE C 76 -10.48 19.08 -4.10
N LEU C 77 -10.99 17.97 -3.55
CA LEU C 77 -10.23 17.01 -2.74
C LEU C 77 -9.12 16.43 -3.60
N LYS C 78 -9.53 15.81 -4.72
CA LYS C 78 -8.62 15.26 -5.70
C LYS C 78 -7.54 16.23 -6.10
N VAL C 79 -7.86 17.52 -6.12
CA VAL C 79 -6.85 18.51 -6.42
C VAL C 79 -5.86 18.59 -5.26
N LEU C 80 -6.39 18.73 -4.06
CA LEU C 80 -5.58 18.88 -2.87
C LEU C 80 -4.68 17.67 -2.66
N LYS C 81 -5.12 16.50 -3.11
CA LYS C 81 -4.33 15.29 -3.04
C LYS C 81 -3.11 15.34 -3.97
N LEU C 82 -3.10 16.23 -4.94
CA LEU C 82 -1.88 16.42 -5.72
C LEU C 82 -0.84 17.14 -4.88
N ALA C 83 -1.22 17.69 -3.74
CA ALA C 83 -0.27 18.51 -2.98
C ALA C 83 0.81 17.68 -2.32
N ARG C 84 2.03 18.08 -2.59
CA ARG C 84 3.19 17.54 -1.96
C ARG C 84 3.63 18.38 -0.76
N SER C 85 4.44 17.72 0.04
CA SER C 85 5.17 18.27 1.16
C SER C 85 5.55 19.78 0.94
N ARG C 86 6.15 20.04 -0.21
CA ARG C 86 6.73 21.32 -0.58
C ARG C 86 5.72 22.37 -1.04
N ASP C 87 4.41 22.11 -0.85
CA ASP C 87 3.36 22.96 -1.43
C ASP C 87 2.61 23.89 -0.45
N THR C 88 2.41 25.12 -0.90
CA THR C 88 1.57 26.11 -0.23
C THR C 88 0.24 26.36 -1.00
N LEU C 89 -0.87 26.47 -0.27
CA LEU C 89 -2.22 26.56 -0.89
C LEU C 89 -2.76 27.98 -1.06
N VAL C 90 -3.17 28.30 -2.28
CA VAL C 90 -3.83 29.58 -2.59
C VAL C 90 -5.27 29.38 -3.07
N LEU C 91 -6.21 30.07 -2.44
CA LEU C 91 -7.58 30.05 -2.85
C LEU C 91 -8.02 31.44 -3.30
N ARG C 92 -8.19 31.61 -4.62
CA ARG C 92 -8.46 32.93 -5.22
C ARG C 92 -9.82 32.96 -5.90
N LYS C 93 -10.49 34.10 -5.77
CA LYS C 93 -11.78 34.36 -6.42
C LYS C 93 -11.79 35.72 -7.08
N GLY C 94 -12.38 35.77 -8.26
CA GLY C 94 -12.50 37.01 -9.02
C GLY C 94 -13.94 37.21 -9.47
N GLY C 95 -14.10 38.17 -10.41
CA GLY C 95 -15.42 38.51 -10.98
C GLY C 95 -16.11 37.30 -11.57
N GLU C 96 -15.34 36.53 -12.35
CA GLU C 96 -15.81 35.31 -13.00
C GLU C 96 -16.37 34.30 -11.97
N ASN C 97 -17.22 33.38 -12.42
CA ASN C 97 -17.84 32.42 -11.52
C ASN C 97 -17.05 31.11 -11.34
N PHE C 98 -15.75 31.21 -11.01
CA PHE C 98 -14.90 30.01 -10.72
C PHE C 98 -13.91 30.20 -9.54
N LEU C 99 -13.65 29.11 -8.82
CA LEU C 99 -12.68 29.10 -7.72
C LEU C 99 -11.27 28.84 -8.25
N GLU C 100 -10.35 29.77 -8.05
CA GLU C 100 -8.97 29.52 -8.47
C GLU C 100 -8.13 28.87 -7.34
N VAL C 101 -7.45 27.77 -7.70
CA VAL C 101 -6.76 26.89 -6.75
C VAL C 101 -5.28 26.69 -7.12
N GLY C 102 -4.41 27.19 -6.24
CA GLY C 102 -2.99 27.37 -6.51
C GLY C 102 -2.17 26.45 -5.62
N LEU C 103 -1.36 25.61 -6.26
CA LEU C 103 -0.41 24.72 -5.57
C LEU C 103 0.96 25.25 -5.85
N LEU C 104 1.49 25.89 -4.82
CA LEU C 104 2.73 26.59 -4.95
C LEU C 104 3.80 25.83 -4.18
N GLY C 105 4.84 25.47 -4.93
CA GLY C 105 5.91 24.64 -4.40
C GLY C 105 7.03 24.80 -5.34
N ASP C 106 7.69 23.70 -5.65
CA ASP C 106 8.77 23.77 -6.63
C ASP C 106 8.28 24.42 -7.91
N GLU C 107 7.19 23.88 -8.45
CA GLU C 107 6.41 24.42 -9.59
C GLU C 107 5.13 25.05 -9.04
N ASN C 108 4.49 25.92 -9.83
CA ASN C 108 3.13 26.37 -9.46
C ASN C 108 1.97 25.93 -10.38
N THR C 109 1.03 25.23 -9.78
CA THR C 109 -0.15 24.75 -10.50
C THR C 109 -1.37 25.55 -10.10
N TRP C 110 -2.09 26.00 -11.12
CA TRP C 110 -3.29 26.82 -10.95
C TRP C 110 -4.49 26.13 -11.57
N PHE C 111 -5.48 25.79 -10.75
CA PHE C 111 -6.72 25.18 -11.20
C PHE C 111 -7.88 26.19 -11.24
N LYS C 112 -8.86 25.90 -12.07
CA LYS C 112 -10.13 26.66 -12.13
C LYS C 112 -11.23 25.64 -11.94
N LEU C 113 -11.89 25.66 -10.80
CA LEU C 113 -13.01 24.76 -10.56
C LEU C 113 -14.27 25.60 -10.60
N PRO C 114 -15.36 25.02 -11.09
CA PRO C 114 -16.53 25.83 -11.27
C PRO C 114 -17.33 25.93 -9.97
N LEU C 115 -17.65 27.16 -9.59
CA LEU C 115 -18.50 27.46 -8.44
C LEU C 115 -19.90 27.04 -8.75
N ILE C 116 -20.54 26.30 -7.85
CA ILE C 116 -21.92 25.94 -8.12
C ILE C 116 -22.93 26.73 -7.26
N ASP C 117 -24.20 26.31 -7.32
CA ASP C 117 -25.31 27.00 -6.65
C ASP C 117 -25.31 27.03 -5.10
N ALA C 118 -25.16 28.24 -4.55
CA ALA C 118 -25.08 28.45 -3.09
C ALA C 118 -26.43 28.40 -2.30
N ASN C 119 -27.33 27.47 -2.67
CA ASN C 119 -28.62 27.25 -1.97
C ASN C 119 -28.49 26.44 -0.67
N THR C 120 -28.23 27.14 0.43
CA THR C 120 -27.93 26.49 1.71
C THR C 120 -28.76 27.01 2.88
N PRO C 121 -29.60 26.14 3.51
CA PRO C 121 -30.47 26.59 4.61
C PRO C 121 -29.69 27.17 5.80
N GLU C 122 -30.28 28.15 6.47
CA GLU C 122 -29.69 28.66 7.70
C GLU C 122 -29.97 27.59 8.78
N ILE C 123 -28.98 27.26 9.62
CA ILE C 123 -29.15 26.20 10.65
C ILE C 123 -28.75 26.62 12.08
N GLU C 124 -29.67 26.38 13.03
CA GLU C 124 -29.47 26.77 14.44
C GLU C 124 -28.96 25.55 15.25
N ILE C 125 -27.80 25.72 15.90
CA ILE C 125 -27.18 24.63 16.68
C ILE C 125 -27.90 24.45 18.00
N PRO C 126 -28.43 23.23 18.25
CA PRO C 126 -29.30 23.11 19.42
C PRO C 126 -28.52 23.12 20.75
N SER C 127 -29.21 23.55 21.80
CA SER C 127 -28.74 23.44 23.18
C SER C 127 -28.75 21.96 23.58
N LEU C 128 -27.73 21.52 24.31
CA LEU C 128 -27.56 20.10 24.65
C LEU C 128 -27.31 19.79 26.13
N PRO C 129 -28.13 18.91 26.71
CA PRO C 129 -27.94 18.56 28.12
C PRO C 129 -26.75 17.60 28.29
N TRP C 130 -25.60 17.91 27.68
CA TRP C 130 -24.41 17.04 27.81
C TRP C 130 -23.99 16.90 29.25
N THR C 131 -23.43 15.75 29.61
CA THR C 131 -22.91 15.54 30.98
C THR C 131 -21.42 15.28 31.14
N VAL C 132 -20.68 15.00 30.05
CA VAL C 132 -19.23 14.69 30.13
C VAL C 132 -18.56 15.22 28.90
N LYS C 133 -17.50 16.01 29.06
CA LYS C 133 -16.67 16.42 27.94
C LYS C 133 -15.37 15.73 28.22
N ALA C 134 -14.61 15.40 27.20
CA ALA C 134 -13.33 14.75 27.46
C ALA C 134 -12.38 15.11 26.35
N VAL C 135 -11.09 15.23 26.68
CA VAL C 135 -10.05 15.40 25.66
C VAL C 135 -9.33 14.05 25.56
N VAL C 136 -9.25 13.53 24.35
CA VAL C 136 -8.70 12.23 24.17
C VAL C 136 -7.82 12.21 22.90
N LEU C 137 -6.99 11.19 22.75
CA LEU C 137 -6.17 11.13 21.52
C LEU C 137 -6.94 10.44 20.43
N ALA C 138 -6.95 11.02 19.25
CA ALA C 138 -7.64 10.30 18.15
C ALA C 138 -7.28 8.79 18.08
N GLY C 139 -6.04 8.44 18.35
CA GLY C 139 -5.61 7.07 18.16
C GLY C 139 -6.43 6.16 19.03
N ALA C 140 -6.56 6.56 20.28
CA ALA C 140 -7.37 5.87 21.25
C ALA C 140 -8.81 5.64 20.76
N LEU C 141 -9.44 6.68 20.19
CA LEU C 141 -10.82 6.52 19.78
C LEU C 141 -10.88 5.61 18.58
N LYS C 142 -9.79 5.55 17.83
CA LYS C 142 -9.75 4.81 16.57
C LYS C 142 -9.74 3.37 16.92
N ARG C 143 -8.95 3.02 17.94
CA ARG C 143 -8.99 1.73 18.52
C ARG C 143 -10.43 1.48 18.86
N ALA C 144 -10.97 2.32 19.73
CA ALA C 144 -12.31 2.11 20.25
C ALA C 144 -13.26 1.68 19.14
N VAL C 145 -13.30 2.51 18.11
CA VAL C 145 -14.26 2.38 17.05
C VAL C 145 -14.00 1.09 16.25
N LYS C 146 -12.75 0.87 15.80
CA LYS C 146 -12.34 -0.38 15.12
C LYS C 146 -12.62 -1.65 15.90
N ALA C 147 -12.33 -1.63 17.18
CA ALA C 147 -12.71 -2.71 18.03
C ALA C 147 -14.22 -2.90 17.98
N ALA C 148 -14.98 -1.79 17.96
CA ALA C 148 -16.43 -1.96 17.98
C ALA C 148 -16.97 -2.57 16.68
N LYS C 149 -16.45 -2.15 15.54
CA LYS C 149 -16.91 -2.58 14.21
C LYS C 149 -16.98 -4.11 14.11
N LEU C 150 -16.07 -4.79 14.79
CA LEU C 150 -15.96 -6.25 14.71
C LEU C 150 -17.11 -6.97 15.36
N VAL C 151 -17.95 -6.19 16.03
CA VAL C 151 -18.97 -6.76 16.86
C VAL C 151 -20.31 -6.12 16.52
N SER C 152 -20.34 -4.92 15.95
CA SER C 152 -21.62 -4.22 15.76
C SER C 152 -21.55 -2.98 14.93
N ASP C 153 -22.71 -2.55 14.45
CA ASP C 153 -22.82 -1.25 13.80
C ASP C 153 -23.04 -0.14 14.85
N SER C 154 -23.15 -0.55 16.11
CA SER C 154 -23.31 0.41 17.18
C SER C 154 -22.26 0.31 18.27
N ILE C 155 -21.74 1.46 18.69
CA ILE C 155 -20.83 1.54 19.85
C ILE C 155 -21.44 2.46 20.91
N TYR C 156 -21.44 1.99 22.14
CA TYR C 156 -21.80 2.75 23.34
C TYR C 156 -20.62 3.53 23.93
N PHE C 157 -20.74 4.86 23.97
CA PHE C 157 -19.79 5.73 24.69
C PHE C 157 -20.24 5.92 26.14
N MET C 158 -19.43 5.47 27.08
CA MET C 158 -19.76 5.59 28.51
C MET C 158 -18.71 6.32 29.38
N ALA C 159 -19.20 6.97 30.43
CA ALA C 159 -18.35 7.72 31.32
C ALA C 159 -18.76 7.49 32.77
N THR C 160 -17.75 7.34 33.63
CA THR C 160 -17.84 7.58 35.05
C THR C 160 -16.87 8.71 35.40
N PRO C 161 -16.91 9.21 36.66
CA PRO C 161 -15.94 10.23 37.07
C PRO C 161 -14.51 9.73 36.86
N GLU C 162 -14.36 8.40 36.90
CA GLU C 162 -13.07 7.74 36.78
C GLU C 162 -12.65 7.40 35.30
N LYS C 163 -13.57 6.90 34.48
CA LYS C 163 -13.14 6.28 33.20
C LYS C 163 -14.04 6.47 31.98
N LEU C 164 -13.49 6.26 30.79
CA LEU C 164 -14.32 6.25 29.59
C LEU C 164 -14.37 4.85 29.05
N THR C 165 -15.59 4.39 28.81
CA THR C 165 -15.81 3.08 28.24
C THR C 165 -16.50 3.17 26.90
N PHE C 166 -15.95 2.42 25.93
CA PHE C 166 -16.48 2.34 24.59
C PHE C 166 -16.80 0.86 24.41
N LYS C 167 -18.08 0.56 24.30
CA LYS C 167 -18.59 -0.81 24.43
C LYS C 167 -19.48 -1.09 23.23
N ALA C 168 -19.69 -2.36 22.89
CA ALA C 168 -20.58 -2.74 21.79
C ALA C 168 -20.99 -4.19 21.94
N GLU C 169 -22.12 -4.58 21.34
CA GLU C 169 -22.48 -6.01 21.32
C GLU C 169 -23.40 -6.54 20.21
N GLY C 170 -23.67 -7.83 20.25
CA GLY C 170 -24.78 -8.39 19.50
C GLY C 170 -24.65 -9.76 18.86
N ASN C 171 -23.77 -9.88 17.86
CA ASN C 171 -23.61 -11.12 17.08
C ASN C 171 -23.81 -12.33 17.98
N ASP C 172 -23.10 -12.30 19.12
CA ASP C 172 -23.07 -13.33 20.15
C ASP C 172 -21.81 -12.99 20.93
N SER C 173 -21.32 -11.77 20.75
CA SER C 173 -20.05 -11.34 21.35
C SER C 173 -20.12 -9.92 21.91
N GLU C 174 -19.12 -9.53 22.70
CA GLU C 174 -19.03 -8.14 23.16
C GLU C 174 -17.59 -7.63 23.22
N VAL C 175 -17.44 -6.33 23.45
CA VAL C 175 -16.13 -5.72 23.46
C VAL C 175 -16.18 -4.38 24.14
N ARG C 176 -15.28 -4.20 25.09
CA ARG C 176 -15.13 -2.93 25.77
C ARG C 176 -13.70 -2.46 25.68
N THR C 177 -13.56 -1.16 25.47
CA THR C 177 -12.30 -0.47 25.54
C THR C 177 -12.43 0.58 26.66
N VAL C 178 -11.49 0.53 27.57
CA VAL C 178 -11.54 1.32 28.76
C VAL C 178 -10.36 2.28 28.77
N LEU C 179 -10.64 3.51 29.15
CA LEU C 179 -9.63 4.52 29.14
C LEU C 179 -9.71 5.28 30.46
N THR C 180 -8.68 5.10 31.29
CA THR C 180 -8.57 5.82 32.57
C THR C 180 -7.59 6.95 32.45
N MET C 181 -7.55 7.77 33.48
CA MET C 181 -6.66 8.93 33.55
C MET C 181 -5.15 8.63 33.61
N GLU C 182 -4.84 7.42 34.09
CA GLU C 182 -3.49 6.86 34.02
C GLU C 182 -3.06 6.69 32.54
N ASP C 183 -4.02 6.57 31.63
CA ASP C 183 -3.73 6.21 30.23
C ASP C 183 -3.33 7.42 29.42
N PRO C 184 -2.33 7.29 28.52
CA PRO C 184 -1.88 8.47 27.80
C PRO C 184 -2.96 9.01 26.89
N GLY C 185 -3.88 8.17 26.46
CA GLY C 185 -4.87 8.59 25.50
C GLY C 185 -6.00 9.48 26.01
N LEU C 186 -6.06 9.70 27.31
CA LEU C 186 -7.09 10.52 27.91
C LEU C 186 -6.45 11.69 28.64
N LEU C 187 -6.63 12.91 28.15
CA LEU C 187 -5.97 14.08 28.73
C LEU C 187 -6.77 14.83 29.82
N ASP C 188 -8.09 14.73 29.73
CA ASP C 188 -8.93 15.67 30.40
C ASP C 188 -10.30 15.07 30.53
N LEU C 189 -10.85 15.12 31.72
CA LEU C 189 -12.17 14.58 31.96
C LEU C 189 -13.09 15.55 32.72
N GLU C 190 -14.13 16.01 32.07
CA GLU C 190 -14.99 17.01 32.65
C GLU C 190 -16.40 16.46 32.86
N HIS C 191 -17.04 16.84 33.96
CA HIS C 191 -18.27 16.20 34.41
C HIS C 191 -19.23 17.26 34.93
N LYS C 192 -20.41 17.36 34.35
CA LYS C 192 -21.55 18.05 34.94
C LYS C 192 -22.36 17.03 35.66
N MET C 193 -22.20 15.75 35.34
CA MET C 193 -22.87 14.71 36.11
C MET C 193 -21.95 13.54 36.29
N THR C 194 -22.39 12.61 37.11
CA THR C 194 -21.64 11.44 37.41
C THR C 194 -21.28 10.58 36.18
N LYS C 195 -22.26 10.33 35.30
CA LYS C 195 -22.17 9.33 34.21
C LYS C 195 -22.65 9.92 32.88
N ALA C 196 -22.57 9.12 31.81
CA ALA C 196 -23.12 9.44 30.50
C ALA C 196 -23.23 8.14 29.68
N LYS C 197 -24.09 8.11 28.66
CA LYS C 197 -24.32 6.88 27.87
C LYS C 197 -25.14 7.20 26.65
N SER C 198 -24.57 7.08 25.48
CA SER C 198 -25.33 7.21 24.27
C SER C 198 -24.66 6.28 23.29
N ALA C 199 -25.37 5.99 22.19
CA ALA C 199 -24.93 4.97 21.29
C ALA C 199 -24.90 5.61 19.95
N TYR C 200 -23.86 5.29 19.17
CA TYR C 200 -23.66 5.97 17.91
C TYR C 200 -23.25 5.00 16.81
N GLY C 201 -23.31 5.51 15.57
CA GLY C 201 -23.03 4.73 14.38
C GLY C 201 -21.55 4.48 14.20
N VAL C 202 -21.14 3.23 14.30
CA VAL C 202 -19.75 2.89 14.17
C VAL C 202 -19.15 3.49 12.88
N ALA C 203 -19.91 3.40 11.80
CA ALA C 203 -19.41 3.85 10.51
C ALA C 203 -19.13 5.34 10.49
N TYR C 204 -20.10 6.13 10.96
CA TYR C 204 -19.98 7.60 10.96
C TYR C 204 -18.72 8.09 11.70
N LEU C 205 -18.43 7.48 12.84
CA LEU C 205 -17.20 7.74 13.60
C LEU C 205 -15.94 7.42 12.75
N GLU C 206 -15.89 6.21 12.21
CA GLU C 206 -14.78 5.80 11.34
C GLU C 206 -14.48 6.88 10.31
N ASP C 207 -15.52 7.35 9.63
CA ASP C 207 -15.30 8.32 8.57
C ASP C 207 -14.72 9.63 9.11
N ILE C 208 -15.06 9.94 10.35
CA ILE C 208 -14.61 11.20 10.92
C ILE C 208 -13.17 11.08 11.33
N LEU C 209 -12.81 9.95 11.93
CA LEU C 209 -11.52 9.86 12.59
C LEU C 209 -10.37 9.60 11.60
N ARG C 210 -10.70 9.24 10.36
CA ARG C 210 -9.71 8.72 9.41
C ARG C 210 -8.60 9.71 9.06
N SER C 211 -8.93 10.95 8.75
CA SER C 211 -7.90 11.97 8.46
C SER C 211 -7.11 12.45 9.68
N LEU C 212 -7.62 12.10 10.86
CA LEU C 212 -6.96 12.44 12.10
C LEU C 212 -5.72 11.57 12.34
N ALA C 213 -4.63 12.16 12.84
CA ALA C 213 -3.47 11.35 13.29
C ALA C 213 -3.68 10.84 14.71
N ASP C 214 -3.05 9.72 15.02
CA ASP C 214 -3.17 9.11 16.35
C ASP C 214 -2.90 10.09 17.49
N ALA C 215 -1.99 11.01 17.29
CA ALA C 215 -1.63 11.95 18.34
C ALA C 215 -2.47 13.23 18.39
N ASP C 216 -3.41 13.41 17.47
CA ASP C 216 -4.31 14.57 17.54
C ASP C 216 -5.28 14.56 18.73
N GLU C 217 -5.41 15.72 19.34
CA GLU C 217 -6.39 15.90 20.39
C GLU C 217 -7.78 16.07 19.79
N VAL C 218 -8.70 15.23 20.25
CA VAL C 218 -10.13 15.38 19.98
C VAL C 218 -10.95 15.72 21.22
N ILE C 219 -11.76 16.76 21.13
CA ILE C 219 -12.79 17.01 22.17
C ILE C 219 -14.08 16.20 21.89
N ILE C 220 -14.44 15.31 22.78
CA ILE C 220 -15.74 14.67 22.72
C ILE C 220 -16.67 15.05 23.88
N ARG C 221 -17.97 15.13 23.60
CA ARG C 221 -18.94 15.62 24.62
C ARG C 221 -20.24 14.95 24.35
N PHE C 222 -20.68 14.12 25.28
CA PHE C 222 -21.96 13.40 25.15
C PHE C 222 -22.81 13.40 26.47
N GLY C 223 -23.83 12.57 26.55
CA GLY C 223 -24.61 12.47 27.78
C GLY C 223 -25.43 11.21 27.69
N PHE C 224 -26.72 11.30 28.00
CA PHE C 224 -27.62 10.14 27.98
C PHE C 224 -28.56 10.25 26.77
N ASP C 225 -28.52 9.27 25.88
CA ASP C 225 -29.20 9.41 24.58
C ASP C 225 -29.18 10.80 23.93
N ILE C 226 -28.01 11.37 23.70
CA ILE C 226 -27.96 12.64 22.93
C ILE C 226 -26.92 12.57 21.84
N PRO C 227 -26.95 13.50 20.88
CA PRO C 227 -25.86 13.55 19.93
C PRO C 227 -24.51 13.56 20.60
N LEU C 228 -23.45 13.36 19.82
CA LEU C 228 -22.13 13.42 20.34
C LEU C 228 -21.58 14.63 19.65
N LEU C 229 -20.87 15.47 20.39
CA LEU C 229 -20.07 16.48 19.77
C LEU C 229 -18.67 15.90 19.64
N LEU C 230 -18.16 15.93 18.44
CA LEU C 230 -16.83 15.50 18.14
C LEU C 230 -16.17 16.69 17.46
N LYS C 231 -15.15 17.20 18.11
CA LYS C 231 -14.59 18.46 17.71
C LYS C 231 -13.07 18.49 17.86
N TYR C 232 -12.38 18.93 16.83
CA TYR C 232 -10.99 19.18 17.01
C TYR C 232 -10.59 20.58 16.63
N MET C 233 -9.38 20.93 17.01
CA MET C 233 -8.89 22.25 16.74
C MET C 233 -8.03 22.25 15.47
N VAL C 234 -7.80 23.45 14.95
CA VAL C 234 -6.96 23.71 13.77
C VAL C 234 -5.97 24.74 14.23
N ARG C 235 -4.69 24.37 14.24
CA ARG C 235 -3.65 25.26 14.73
C ARG C 235 -4.18 26.07 15.92
N ASP C 236 -4.92 25.37 16.78
CA ASP C 236 -5.38 25.92 18.04
C ASP C 236 -5.93 27.33 17.80
N ALA C 237 -6.88 27.46 16.89
CA ALA C 237 -7.55 28.74 16.59
C ALA C 237 -8.93 28.54 15.95
N GLY C 238 -8.91 27.90 14.80
CA GLY C 238 -10.13 27.51 14.13
C GLY C 238 -10.57 26.20 14.71
N GLU C 239 -11.83 25.85 14.47
CA GLU C 239 -12.38 24.61 14.96
C GLU C 239 -13.18 23.90 13.88
N VAL C 240 -13.25 22.58 13.98
CA VAL C 240 -14.18 21.84 13.19
C VAL C 240 -14.91 20.98 14.18
N SER C 241 -16.23 20.97 14.12
CA SER C 241 -16.99 20.17 15.07
C SER C 241 -18.04 19.40 14.32
N PHE C 242 -18.39 18.24 14.85
CA PHE C 242 -19.34 17.39 14.21
C PHE C 242 -20.27 16.98 15.32
N LEU C 243 -21.59 17.03 15.02
CA LEU C 243 -22.60 16.45 15.90
C LEU C 243 -23.15 15.21 15.25
N ILE C 244 -23.26 14.15 16.04
CA ILE C 244 -23.69 12.88 15.53
C ILE C 244 -24.88 12.38 16.36
N ALA C 245 -26.06 12.42 15.72
CA ALA C 245 -27.30 11.86 16.26
C ALA C 245 -27.03 10.49 16.85
N PRO C 246 -27.75 10.13 17.92
CA PRO C 246 -27.57 8.86 18.65
C PRO C 246 -28.57 7.77 18.33
N ARG C 247 -28.59 6.72 19.13
CA ARG C 247 -29.51 5.62 18.90
C ARG C 247 -30.20 5.16 20.21
#